data_7VYT
#
_entry.id   7VYT
#
_cell.length_a   69.670
_cell.length_b   79.820
_cell.length_c   77.970
_cell.angle_alpha   90.000
_cell.angle_beta   100.554
_cell.angle_gamma   90.000
#
_symmetry.space_group_name_H-M   'P 1 21 1'
#
loop_
_entity.id
_entity.type
_entity.pdbx_description
1 polymer 'T-cell immunoreceptor with Ig and ITIM domains'
2 polymer 'MG1131 heavy chain variable region'
3 polymer 'MG1131 light chain variable region'
4 non-polymer 'CITRATE ANION'
5 water water
#
loop_
_entity_poly.entity_id
_entity_poly.type
_entity_poly.pdbx_seq_one_letter_code
_entity_poly.pdbx_strand_id
1 'polypeptide(L)'
;MTGTIETTGNISAEKGGSIILQCHLSSTTAQVTQVNWEQQDQLLAICNADLGWHISPSFKDRVAPGPGLGLTLQSLTVND
TGEYFCIYHTYPDGTYTGRIFLEVLES
;
A,T
2 'polypeptide(L)'
;MEVQLVQSGAEVKKPGASVKVSCKASGYTFTSYYMHWVRQAPGQGLEWMGIINPSGGSTSYAQKFQGRVTMTRDTSTSTV
YMELSSLRSEDTAVYYCASRSGSGWFGALDYWGQGTLVTVSS
;
B,H
3 'polypeptide(L)'
;GGGGSGGGGSGGGGSGGGGSEIVLTQSPGTLSLSPGERATLSCRASQSVSSSYLAWYQQKPGQAPRLLIYGASSRATGIP
DRFSGSGSGTDFTLTISRLEPEDFAVYYCQQYGSSPGGTFGQGTKVEIKRVDKLA
;
L,C
#
# COMPACT_ATOMS: atom_id res chain seq x y z
N GLY A 3 9.94 17.26 -15.94
CA GLY A 3 10.79 17.28 -14.74
C GLY A 3 11.26 15.89 -14.35
N THR A 4 12.44 15.78 -13.76
CA THR A 4 12.98 14.47 -13.31
C THR A 4 13.58 14.60 -11.92
N ILE A 5 13.40 13.62 -11.10
CA ILE A 5 13.99 13.67 -9.78
C ILE A 5 15.07 12.62 -9.74
N GLU A 6 16.25 13.04 -9.34
CA GLU A 6 17.36 12.11 -9.28
C GLU A 6 18.04 12.03 -7.91
N THR A 7 18.49 10.84 -7.56
CA THR A 7 19.20 10.61 -6.29
C THR A 7 20.39 9.68 -6.54
N THR A 8 21.19 9.47 -5.51
CA THR A 8 22.34 8.52 -5.56
C THR A 8 21.87 7.09 -5.75
N GLY A 9 20.69 6.74 -5.23
CA GLY A 9 20.11 5.42 -5.42
C GLY A 9 20.46 4.51 -4.26
N ASN A 10 21.75 4.21 -4.08
CA ASN A 10 22.22 3.35 -3.00
C ASN A 10 23.36 4.02 -2.27
N ILE A 11 23.25 4.13 -0.94
CA ILE A 11 24.32 4.67 -0.11
C ILE A 11 24.59 3.73 1.05
N SER A 12 25.83 3.76 1.53
CA SER A 12 26.21 2.98 2.69
C SER A 12 26.97 3.88 3.64
N ALA A 13 26.79 3.63 4.94
CA ALA A 13 27.48 4.43 5.93
C ALA A 13 27.72 3.57 7.17
N GLU A 14 28.69 3.98 7.98
CA GLU A 14 29.05 3.18 9.12
C GLU A 14 28.13 3.43 10.30
N LYS A 15 27.81 2.35 11.04
CA LYS A 15 27.10 2.44 12.32
C LYS A 15 27.71 3.51 13.21
N GLY A 16 26.85 4.31 13.83
CA GLY A 16 27.30 5.38 14.71
C GLY A 16 27.61 6.68 14.03
N GLY A 17 27.82 6.68 12.72
CA GLY A 17 28.10 7.88 11.96
C GLY A 17 26.85 8.62 11.56
N SER A 18 27.04 9.60 10.68
CA SER A 18 25.94 10.38 10.13
C SER A 18 26.00 10.29 8.62
N ILE A 19 24.87 10.55 7.95
CA ILE A 19 24.86 10.51 6.49
C ILE A 19 23.84 11.51 5.96
N ILE A 20 24.15 12.10 4.83
CA ILE A 20 23.26 13.01 4.16
C ILE A 20 22.40 12.28 3.14
N LEU A 21 21.10 12.51 3.21
CA LEU A 21 20.13 11.98 2.31
C LEU A 21 19.71 13.15 1.44
N GLN A 22 19.81 13.01 0.13
CA GLN A 22 19.47 14.09 -0.72
C GLN A 22 18.93 13.75 -2.08
N CYS A 23 18.09 14.63 -2.61
CA CYS A 23 17.48 14.51 -3.91
C CYS A 23 17.69 15.77 -4.70
N HIS A 24 17.71 15.61 -5.99
CA HIS A 24 17.84 16.76 -6.90
C HIS A 24 16.68 16.76 -7.89
N LEU A 25 15.90 17.81 -7.88
CA LEU A 25 14.87 18.02 -8.90
C LEU A 25 15.46 18.87 -10.01
N SER A 26 15.45 18.36 -11.24
CA SER A 26 16.01 19.10 -12.36
C SER A 26 15.04 19.08 -13.53
N SER A 27 15.36 19.91 -14.53
CA SER A 27 14.61 20.00 -15.78
C SER A 27 13.17 20.45 -15.54
N THR A 28 12.96 21.31 -14.54
CA THR A 28 11.67 21.94 -14.34
C THR A 28 11.86 23.24 -13.58
N THR A 29 11.01 24.22 -13.89
CA THR A 29 10.98 25.48 -13.19
C THR A 29 9.86 25.53 -12.15
N ALA A 30 9.23 24.38 -11.86
CA ALA A 30 8.13 24.34 -10.91
C ALA A 30 8.57 24.84 -9.54
N GLN A 31 7.62 25.44 -8.83
CA GLN A 31 7.89 26.03 -7.53
C GLN A 31 7.88 24.89 -6.52
N VAL A 32 8.92 24.74 -5.72
CA VAL A 32 8.89 23.68 -4.71
C VAL A 32 8.23 24.25 -3.45
N THR A 33 7.06 23.71 -3.08
CA THR A 33 6.37 24.22 -1.91
C THR A 33 6.61 23.40 -0.66
N GLN A 34 6.93 22.11 -0.80
CA GLN A 34 7.11 21.28 0.36
C GLN A 34 7.89 20.05 -0.06
N VAL A 35 8.79 19.58 0.81
CA VAL A 35 9.52 18.33 0.60
C VAL A 35 9.33 17.44 1.83
N ASN A 36 8.85 16.22 1.62
CA ASN A 36 8.61 15.25 2.69
C ASN A 36 9.65 14.15 2.60
N TRP A 37 10.33 13.89 3.72
CA TRP A 37 11.26 12.78 3.83
C TRP A 37 10.62 11.70 4.68
N GLU A 38 10.53 10.47 4.15
CA GLU A 38 9.81 9.46 4.89
C GLU A 38 10.32 8.08 4.51
N GLN A 39 9.89 7.15 5.32
CA GLN A 39 9.98 5.73 5.03
C GLN A 39 8.52 5.29 4.74
N GLN A 40 8.34 4.05 4.32
CA GLN A 40 7.02 3.56 4.00
C GLN A 40 5.96 3.75 5.05
N ASP A 41 6.25 3.42 6.27
CA ASP A 41 5.20 3.65 7.23
C ASP A 41 5.56 4.68 8.33
N GLN A 42 6.46 5.61 7.99
CA GLN A 42 6.96 6.55 8.98
C GLN A 42 7.55 7.85 8.44
N LEU A 43 7.05 8.97 8.90
CA LEU A 43 7.59 10.26 8.51
C LEU A 43 8.91 10.52 9.23
N LEU A 44 9.87 11.10 8.51
CA LEU A 44 11.10 11.60 9.11
C LEU A 44 11.00 13.10 9.37
N ALA A 45 10.77 13.88 8.32
CA ALA A 45 10.80 15.33 8.42
C ALA A 45 10.16 15.93 7.18
N ILE A 46 9.67 17.15 7.33
CA ILE A 46 9.08 17.89 6.22
C ILE A 46 9.71 19.27 6.18
N CYS A 47 10.13 19.70 5.00
CA CYS A 47 10.56 21.08 4.77
C CYS A 47 9.46 21.80 4.00
N ASN A 48 8.79 22.72 4.69
CA ASN A 48 7.75 23.54 4.08
C ASN A 48 8.34 24.89 3.71
N ALA A 49 8.11 25.33 2.47
CA ALA A 49 8.75 26.56 1.99
C ALA A 49 8.38 27.77 2.83
N ASP A 50 7.14 27.82 3.31
CA ASP A 50 6.68 28.98 4.08
C ASP A 50 6.94 28.85 5.57
N LEU A 51 6.80 27.64 6.13
CA LEU A 51 6.77 27.46 7.58
C LEU A 51 8.06 26.88 8.16
N GLY A 52 8.97 26.38 7.32
CA GLY A 52 10.19 25.77 7.81
C GLY A 52 10.08 24.27 7.98
N TRP A 53 10.99 23.74 8.80
CA TRP A 53 11.12 22.30 8.98
C TRP A 53 10.26 21.79 10.13
N HIS A 54 9.60 20.67 9.89
CA HIS A 54 8.93 19.88 10.92
C HIS A 54 9.69 18.56 11.03
N ILE A 55 10.10 18.19 12.24
CA ILE A 55 10.76 16.90 12.47
C ILE A 55 9.81 15.99 13.24
N SER A 56 9.67 14.76 12.76
CA SER A 56 8.84 13.79 13.45
C SER A 56 9.35 13.51 14.85
N PRO A 57 8.44 13.26 15.81
CA PRO A 57 8.88 12.89 17.17
C PRO A 57 9.87 11.74 17.22
N SER A 58 9.69 10.72 16.39
CA SER A 58 10.60 9.57 16.40
C SER A 58 12.03 9.95 15.99
N PHE A 59 12.24 11.13 15.39
CA PHE A 59 13.55 11.50 14.88
C PHE A 59 14.11 12.83 15.40
N LYS A 60 13.40 13.44 16.30
CA LYS A 60 13.78 14.73 16.83
C LYS A 60 15.23 14.96 17.25
N ASP A 61 15.79 13.97 17.90
CA ASP A 61 17.14 14.16 18.34
C ASP A 61 18.18 13.54 17.51
N ARG A 62 17.81 13.03 16.35
CA ARG A 62 18.74 12.38 15.45
C ARG A 62 18.67 12.76 13.97
N VAL A 63 17.95 13.83 13.68
CA VAL A 63 17.84 14.36 12.32
C VAL A 63 18.21 15.83 12.37
N ALA A 64 19.15 16.24 11.51
CA ALA A 64 19.46 17.64 11.32
C ALA A 64 18.96 18.06 9.95
N PRO A 65 18.10 19.06 9.86
CA PRO A 65 17.66 19.53 8.54
C PRO A 65 18.84 19.99 7.70
N GLY A 66 18.72 19.76 6.38
CA GLY A 66 19.72 20.21 5.44
C GLY A 66 20.84 19.21 5.25
N PRO A 67 21.82 19.54 4.39
CA PRO A 67 21.91 20.80 3.62
C PRO A 67 20.79 20.99 2.59
N GLY A 68 20.30 22.23 2.49
CA GLY A 68 19.25 22.51 1.52
C GLY A 68 18.02 21.71 1.83
N LEU A 69 17.46 21.07 0.80
CA LEU A 69 16.27 20.26 0.93
C LEU A 69 16.57 18.82 1.31
N GLY A 70 17.84 18.50 1.60
CA GLY A 70 18.18 17.18 2.10
C GLY A 70 18.10 17.13 3.61
N LEU A 71 18.51 16.00 4.15
CA LEU A 71 18.61 15.89 5.59
C LEU A 71 19.75 15.02 6.05
N THR A 72 20.28 15.34 7.20
CA THR A 72 21.36 14.56 7.78
C THR A 72 20.78 13.64 8.85
N LEU A 73 20.87 12.33 8.61
CA LEU A 73 20.48 11.34 9.61
C LEU A 73 21.69 11.02 10.47
N GLN A 74 21.54 11.13 11.79
CA GLN A 74 22.65 11.05 12.72
C GLN A 74 22.57 9.82 13.60
N SER A 75 23.71 9.48 14.20
CA SER A 75 23.82 8.37 15.15
C SER A 75 23.22 7.10 14.56
N LEU A 76 23.70 6.73 13.37
CA LEU A 76 23.07 5.64 12.64
C LEU A 76 23.12 4.32 13.41
N THR A 77 22.03 3.56 13.33
CA THR A 77 22.01 2.20 13.84
C THR A 77 21.76 1.25 12.67
N VAL A 78 22.03 -0.04 12.89
CA VAL A 78 21.79 -0.98 11.81
C VAL A 78 20.30 -1.07 11.49
N ASN A 79 19.43 -0.63 12.40
CA ASN A 79 18.00 -0.60 12.14
C ASN A 79 17.60 0.47 11.13
N ASP A 80 18.49 1.39 10.79
CA ASP A 80 18.22 2.43 9.80
C ASP A 80 18.39 1.92 8.38
N THR A 81 18.91 0.72 8.19
CA THR A 81 19.01 0.15 6.84
C THR A 81 17.62 0.02 6.26
N GLY A 82 17.45 0.49 5.02
CA GLY A 82 16.15 0.38 4.37
C GLY A 82 15.94 1.47 3.32
N GLU A 83 14.72 1.51 2.81
CA GLU A 83 14.33 2.41 1.72
C GLU A 83 13.81 3.73 2.28
N TYR A 84 14.29 4.83 1.70
CA TYR A 84 13.88 6.17 2.08
C TYR A 84 13.29 6.88 0.86
N PHE A 85 12.34 7.78 1.12
CA PHE A 85 11.65 8.49 0.04
C PHE A 85 11.73 9.98 0.29
N CYS A 86 11.86 10.71 -0.79
CA CYS A 86 11.83 12.16 -0.79
C CYS A 86 10.69 12.54 -1.74
N ILE A 87 9.67 13.21 -1.21
CA ILE A 87 8.49 13.55 -2.00
C ILE A 87 8.45 15.06 -2.14
N TYR A 88 8.66 15.54 -3.37
CA TYR A 88 8.59 16.96 -3.68
C TYR A 88 7.16 17.29 -4.09
N HIS A 89 6.59 18.34 -3.48
CA HIS A 89 5.29 18.88 -3.86
C HIS A 89 5.56 20.20 -4.56
N THR A 90 5.12 20.31 -5.82
CA THR A 90 5.51 21.44 -6.64
C THR A 90 4.30 22.00 -7.37
N TYR A 91 4.41 23.27 -7.73
CA TYR A 91 3.37 23.92 -8.51
C TYR A 91 3.98 24.49 -9.77
N PRO A 92 3.42 24.22 -10.96
CA PRO A 92 2.18 23.47 -11.15
C PRO A 92 2.34 21.97 -11.40
N ASP A 93 3.56 21.45 -11.45
CA ASP A 93 3.77 20.07 -11.87
C ASP A 93 3.18 18.98 -10.99
N GLY A 94 3.03 19.25 -9.73
CA GLY A 94 2.58 18.22 -8.82
C GLY A 94 3.74 17.50 -8.14
N THR A 95 3.57 16.21 -7.91
CA THR A 95 4.48 15.44 -7.07
C THR A 95 5.59 14.81 -7.87
N TYR A 96 6.80 14.86 -7.32
CA TYR A 96 7.94 14.05 -7.77
C TYR A 96 8.42 13.22 -6.59
N THR A 97 8.72 11.95 -6.82
CA THR A 97 9.13 11.06 -5.75
C THR A 97 10.49 10.46 -6.06
N GLY A 98 11.45 10.68 -5.17
CA GLY A 98 12.76 10.05 -5.27
C GLY A 98 12.95 8.94 -4.26
N ARG A 99 13.84 8.00 -4.55
CA ARG A 99 14.10 6.86 -3.67
C ARG A 99 15.59 6.77 -3.37
N ILE A 100 15.92 6.44 -2.12
CA ILE A 100 17.30 6.15 -1.72
C ILE A 100 17.28 4.88 -0.89
N PHE A 101 18.15 3.92 -1.22
CA PHE A 101 18.36 2.80 -0.32
C PHE A 101 19.62 3.05 0.50
N LEU A 102 19.50 2.93 1.81
CA LEU A 102 20.60 3.15 2.74
C LEU A 102 20.93 1.83 3.43
N GLU A 103 22.21 1.48 3.45
CA GLU A 103 22.65 0.37 4.27
C GLU A 103 23.64 0.87 5.30
N VAL A 104 23.35 0.58 6.55
CA VAL A 104 24.22 0.94 7.66
C VAL A 104 25.12 -0.25 7.96
N LEU A 105 26.43 -0.03 7.86
CA LEU A 105 27.41 -1.10 7.91
C LEU A 105 27.99 -1.23 9.31
N GLU A 106 28.36 -2.45 9.66
CA GLU A 106 29.05 -2.78 10.90
C GLU A 106 30.32 -3.51 10.46
N SER A 107 31.39 -2.74 10.22
CA SER A 107 32.60 -3.32 9.63
C SER A 107 33.45 -4.08 10.64
N GLU B 2 -11.58 21.97 28.00
CA GLU B 2 -11.72 21.61 26.56
C GLU B 2 -11.59 22.86 25.69
N VAL B 3 -10.77 22.73 24.70
CA VAL B 3 -10.43 23.75 23.67
C VAL B 3 -11.71 24.13 22.93
N GLN B 4 -11.95 25.44 22.79
CA GLN B 4 -13.09 25.97 22.03
C GLN B 4 -12.64 27.05 21.06
N LEU B 5 -13.14 26.99 19.83
CA LEU B 5 -12.89 28.01 18.82
C LEU B 5 -14.21 28.71 18.51
N VAL B 6 -14.27 30.01 18.79
CA VAL B 6 -15.50 30.79 18.64
C VAL B 6 -15.29 31.84 17.57
N GLN B 7 -16.07 31.74 16.50
CA GLN B 7 -15.93 32.57 15.33
C GLN B 7 -16.90 33.74 15.35
N SER B 8 -16.60 34.74 14.52
CA SER B 8 -17.43 35.92 14.35
C SER B 8 -18.67 35.56 13.53
N GLY B 9 -19.62 36.52 13.46
CA GLY B 9 -20.93 36.23 12.92
C GLY B 9 -21.03 36.36 11.40
N ALA B 10 -22.20 35.97 10.88
CA ALA B 10 -22.40 35.89 9.43
C ALA B 10 -22.22 37.25 8.76
N GLU B 11 -21.80 37.21 7.49
CA GLU B 11 -21.50 38.39 6.69
C GLU B 11 -22.14 38.29 5.32
N VAL B 12 -22.71 39.40 4.85
CA VAL B 12 -23.22 39.52 3.49
C VAL B 12 -22.47 40.67 2.82
N LYS B 13 -21.91 40.40 1.64
CA LYS B 13 -20.95 41.29 1.00
C LYS B 13 -21.21 41.44 -0.48
N LYS B 14 -20.95 42.58 -1.04
CA LYS B 14 -21.18 42.73 -2.44
C LYS B 14 -20.02 42.23 -3.20
N PRO B 15 -20.19 41.94 -4.49
CA PRO B 15 -19.06 41.49 -5.28
C PRO B 15 -18.02 42.59 -5.36
N GLY B 16 -16.75 42.19 -5.26
CA GLY B 16 -15.65 43.16 -5.26
C GLY B 16 -15.26 43.68 -3.88
N ALA B 17 -16.09 43.47 -2.88
CA ALA B 17 -15.78 43.91 -1.53
C ALA B 17 -14.78 42.95 -0.87
N SER B 18 -14.39 43.28 0.35
CA SER B 18 -13.57 42.40 1.17
C SER B 18 -14.35 42.01 2.42
N VAL B 19 -13.94 40.90 3.03
CA VAL B 19 -14.52 40.45 4.28
C VAL B 19 -13.40 40.08 5.23
N LYS B 20 -13.61 40.33 6.52
CA LYS B 20 -12.64 39.97 7.55
C LYS B 20 -13.36 39.22 8.66
N VAL B 21 -13.01 37.93 8.82
CA VAL B 21 -13.63 37.08 9.83
C VAL B 21 -12.61 36.77 10.92
N SER B 22 -13.11 36.47 12.11
CA SER B 22 -12.21 36.23 13.23
C SER B 22 -12.59 34.98 14.00
N CYS B 23 -11.64 34.51 14.80
CA CYS B 23 -11.89 33.37 15.66
C CYS B 23 -11.03 33.52 16.90
N LYS B 24 -11.65 33.38 18.08
CA LYS B 24 -10.96 33.42 19.35
C LYS B 24 -10.89 32.00 19.90
N ALA B 25 -9.69 31.60 20.30
CA ALA B 25 -9.45 30.30 20.88
C ALA B 25 -9.39 30.41 22.40
N SER B 26 -10.04 29.47 23.07
CA SER B 26 -9.99 29.36 24.52
C SER B 26 -9.74 27.91 24.89
N GLY B 27 -9.16 27.70 26.07
CA GLY B 27 -9.00 26.37 26.62
C GLY B 27 -7.70 25.66 26.33
N TYR B 28 -6.82 26.23 25.52
CA TYR B 28 -5.53 25.61 25.27
C TYR B 28 -4.69 25.60 26.55
N THR B 29 -4.05 24.47 26.83
CA THR B 29 -3.18 24.37 28.00
C THR B 29 -1.74 24.76 27.70
N PHE B 30 -1.45 25.21 26.48
CA PHE B 30 -0.13 25.70 26.11
C PHE B 30 -0.29 26.89 25.19
N THR B 31 0.81 27.64 25.02
CA THR B 31 0.76 28.96 24.41
C THR B 31 0.78 28.91 22.89
N SER B 32 1.58 28.03 22.31
CA SER B 32 1.93 28.12 20.88
C SER B 32 1.15 27.07 20.10
N TYR B 33 0.36 27.53 19.14
CA TYR B 33 -0.33 26.63 18.22
C TYR B 33 -0.63 27.38 16.94
N TYR B 34 -0.65 26.65 15.82
CA TYR B 34 -1.03 27.20 14.53
C TYR B 34 -2.55 27.28 14.41
N MET B 35 -3.00 28.11 13.48
CA MET B 35 -4.43 28.29 13.21
C MET B 35 -4.67 28.21 11.70
N HIS B 36 -5.69 27.46 11.30
CA HIS B 36 -6.01 27.29 9.90
C HIS B 36 -7.35 27.92 9.58
N TRP B 37 -7.55 28.20 8.30
CA TRP B 37 -8.89 28.46 7.77
C TRP B 37 -9.19 27.51 6.63
N VAL B 38 -10.42 26.99 6.63
CA VAL B 38 -10.91 25.99 5.68
C VAL B 38 -12.32 26.42 5.31
N ARG B 39 -12.66 26.40 4.03
CA ARG B 39 -14.00 26.85 3.65
C ARG B 39 -14.78 25.74 2.96
N GLN B 40 -16.11 25.92 2.97
CA GLN B 40 -17.05 24.94 2.43
C GLN B 40 -18.11 25.68 1.62
N ALA B 41 -17.95 25.69 0.29
CA ALA B 41 -18.96 26.26 -0.59
C ALA B 41 -20.16 25.30 -0.71
N PRO B 42 -21.36 25.81 -0.97
CA PRO B 42 -22.60 25.03 -1.02
C PRO B 42 -22.53 23.78 -1.83
N GLY B 43 -22.79 22.66 -1.17
CA GLY B 43 -22.74 21.36 -1.80
C GLY B 43 -21.38 20.76 -2.07
N GLN B 44 -20.31 21.47 -1.72
CA GLN B 44 -18.98 21.03 -2.02
C GLN B 44 -18.24 20.53 -0.83
N GLY B 45 -17.05 20.05 -1.11
CA GLY B 45 -16.20 19.58 -0.05
C GLY B 45 -15.42 20.71 0.59
N LEU B 46 -14.61 20.31 1.56
CA LEU B 46 -13.76 21.25 2.27
C LEU B 46 -12.57 21.67 1.41
N GLU B 47 -12.18 22.94 1.56
CA GLU B 47 -11.07 23.51 0.79
C GLU B 47 -10.18 24.28 1.77
N TRP B 48 -8.95 23.81 1.96
CA TRP B 48 -8.02 24.51 2.85
C TRP B 48 -7.60 25.84 2.24
N MET B 49 -7.60 26.90 3.05
CA MET B 49 -7.21 28.22 2.60
C MET B 49 -5.81 28.60 3.03
N GLY B 50 -5.45 28.28 4.26
CA GLY B 50 -4.13 28.67 4.72
C GLY B 50 -3.99 28.51 6.20
N ILE B 51 -2.82 28.93 6.70
CA ILE B 51 -2.44 28.70 8.08
C ILE B 51 -1.56 29.86 8.52
N ILE B 52 -1.63 30.18 9.80
CA ILE B 52 -0.77 31.20 10.40
C ILE B 52 -0.11 30.64 11.65
N ASN B 53 1.15 31.01 11.86
CA ASN B 53 1.96 30.47 12.94
C ASN B 53 1.63 31.15 14.27
N PRO B 54 2.20 30.66 15.39
CA PRO B 54 1.80 31.23 16.70
C PRO B 54 2.05 32.72 16.85
N SER B 55 3.16 33.24 16.35
CA SER B 55 3.45 34.67 16.52
C SER B 55 2.68 35.55 15.56
N GLY B 56 2.10 34.97 14.51
CA GLY B 56 1.53 35.75 13.44
C GLY B 56 2.49 36.20 12.38
N GLY B 57 3.78 35.92 12.54
CA GLY B 57 4.79 36.39 11.61
C GLY B 57 5.01 35.53 10.38
N SER B 58 4.47 34.31 10.35
CA SER B 58 4.65 33.43 9.19
C SER B 58 3.29 32.86 8.78
N THR B 59 3.03 32.84 7.49
CA THR B 59 1.78 32.30 6.97
C THR B 59 2.06 31.42 5.76
N SER B 60 1.07 30.60 5.40
CA SER B 60 1.13 29.81 4.18
C SER B 60 -0.28 29.69 3.63
N TYR B 61 -0.47 30.03 2.35
CA TYR B 61 -1.78 30.02 1.74
C TYR B 61 -1.82 29.07 0.55
N ALA B 62 -3.00 28.47 0.33
CA ALA B 62 -3.22 27.68 -0.87
C ALA B 62 -3.01 28.57 -2.10
N GLN B 63 -2.50 27.94 -3.17
CA GLN B 63 -2.13 28.69 -4.38
C GLN B 63 -3.29 29.54 -4.89
N LYS B 64 -4.49 29.00 -4.88
CA LYS B 64 -5.58 29.78 -5.39
C LYS B 64 -5.97 31.02 -4.61
N PHE B 65 -5.49 31.12 -3.38
CA PHE B 65 -5.80 32.30 -2.58
C PHE B 65 -4.63 33.24 -2.40
N GLN B 66 -3.45 32.91 -2.93
CA GLN B 66 -2.33 33.82 -2.81
C GLN B 66 -2.62 35.11 -3.55
N GLY B 67 -2.43 36.23 -2.86
CA GLY B 67 -2.75 37.52 -3.41
C GLY B 67 -4.11 38.04 -2.99
N ARG B 68 -4.99 37.16 -2.50
CA ARG B 68 -6.33 37.55 -2.08
C ARG B 68 -6.59 37.37 -0.59
N VAL B 69 -5.77 36.60 0.13
CA VAL B 69 -6.02 36.28 1.52
C VAL B 69 -4.89 36.82 2.38
N THR B 70 -5.24 37.39 3.53
CA THR B 70 -4.26 37.87 4.51
C THR B 70 -4.72 37.43 5.89
N MET B 71 -3.90 36.66 6.59
CA MET B 71 -4.22 36.30 7.96
C MET B 71 -3.34 37.12 8.91
N THR B 72 -3.90 37.48 10.06
CA THR B 72 -3.18 38.16 11.10
C THR B 72 -3.58 37.56 12.43
N ARG B 73 -2.77 37.81 13.44
CA ARG B 73 -3.02 37.21 14.74
C ARG B 73 -2.83 38.23 15.85
N ASP B 74 -3.82 38.32 16.75
CA ASP B 74 -3.72 39.12 17.96
C ASP B 74 -3.34 38.17 19.08
N THR B 75 -2.05 38.08 19.39
CA THR B 75 -1.61 37.11 20.38
C THR B 75 -2.15 37.44 21.77
N SER B 76 -2.43 38.72 22.06
CA SER B 76 -2.87 39.08 23.40
C SER B 76 -4.30 38.66 23.69
N THR B 77 -5.13 38.45 22.66
CA THR B 77 -6.52 38.04 22.83
C THR B 77 -6.77 36.64 22.26
N SER B 78 -5.72 35.96 21.83
CA SER B 78 -5.86 34.60 21.28
C SER B 78 -6.84 34.58 20.12
N THR B 79 -6.79 35.61 19.28
CA THR B 79 -7.73 35.78 18.18
C THR B 79 -6.97 35.80 16.86
N VAL B 80 -7.49 35.08 15.87
CA VAL B 80 -6.94 35.10 14.53
C VAL B 80 -7.95 35.76 13.61
N TYR B 81 -7.43 36.47 12.60
CA TYR B 81 -8.25 37.16 11.60
C TYR B 81 -7.92 36.66 10.19
N MET B 82 -8.93 36.58 9.36
CA MET B 82 -8.75 36.24 7.99
C MET B 82 -9.48 37.24 7.11
N GLU B 83 -8.77 37.91 6.22
CA GLU B 83 -9.34 38.87 5.28
C GLU B 83 -9.23 38.32 3.88
N LEU B 84 -10.36 38.27 3.17
CA LEU B 84 -10.43 37.82 1.79
C LEU B 84 -10.94 38.97 0.93
N SER B 85 -10.18 39.35 -0.10
CA SER B 85 -10.49 40.52 -0.92
C SER B 85 -11.01 40.10 -2.29
N SER B 86 -11.51 41.10 -3.02
CA SER B 86 -12.09 40.94 -4.35
C SER B 86 -13.12 39.81 -4.38
N LEU B 87 -14.08 39.87 -3.47
CA LEU B 87 -15.09 38.80 -3.29
C LEU B 87 -15.88 38.57 -4.58
N ARG B 88 -16.12 37.30 -4.89
CA ARG B 88 -16.84 36.85 -6.07
C ARG B 88 -17.88 35.82 -5.64
N SER B 89 -18.83 35.46 -6.51
CA SER B 89 -19.87 34.48 -6.12
C SER B 89 -19.28 33.15 -5.64
N GLU B 90 -18.24 32.67 -6.24
CA GLU B 90 -17.64 31.45 -5.80
C GLU B 90 -17.11 31.53 -4.35
N ASP B 91 -17.05 32.72 -3.78
CA ASP B 91 -16.59 32.82 -2.40
C ASP B 91 -17.70 32.67 -1.37
N THR B 92 -18.97 32.62 -1.78
CA THR B 92 -20.00 32.30 -0.79
C THR B 92 -19.71 30.93 -0.21
N ALA B 93 -19.59 30.86 1.12
CA ALA B 93 -19.20 29.61 1.74
C ALA B 93 -19.31 29.76 3.24
N VAL B 94 -19.30 28.62 3.92
CA VAL B 94 -19.08 28.61 5.35
C VAL B 94 -17.58 28.53 5.57
N TYR B 95 -17.05 29.49 6.31
CA TYR B 95 -15.62 29.59 6.58
C TYR B 95 -15.36 29.06 7.98
N TYR B 96 -14.45 28.10 8.09
CA TYR B 96 -14.15 27.49 9.37
C TYR B 96 -12.73 27.82 9.78
N CYS B 97 -12.55 28.10 11.06
CA CYS B 97 -11.24 28.12 11.68
C CYS B 97 -10.98 26.76 12.32
N ALA B 98 -9.75 26.26 12.21
CA ALA B 98 -9.47 24.94 12.72
C ALA B 98 -8.04 24.92 13.26
N SER B 99 -7.80 24.04 14.20
CA SER B 99 -6.47 23.91 14.81
C SER B 99 -6.33 22.51 15.39
N ARG B 100 -5.20 22.24 16.03
CA ARG B 100 -5.01 20.87 16.52
C ARG B 100 -4.36 20.84 17.89
N SER B 101 -4.35 19.65 18.46
CA SER B 101 -3.93 19.42 19.84
C SER B 101 -2.41 19.22 19.93
N GLY B 102 -1.69 20.22 19.43
CA GLY B 102 -0.24 20.22 19.52
C GLY B 102 0.28 21.56 19.06
N SER B 103 1.59 21.75 19.19
CA SER B 103 2.20 23.04 18.88
C SER B 103 2.74 23.12 17.45
N GLY B 104 2.86 22.00 16.74
CA GLY B 104 3.39 22.02 15.39
C GLY B 104 2.30 22.17 14.34
N TRP B 105 2.73 22.40 13.09
CA TRP B 105 1.80 22.66 11.99
C TRP B 105 1.38 21.42 11.22
N PHE B 106 1.95 20.26 11.51
CA PHE B 106 1.66 19.03 10.80
C PHE B 106 0.63 18.19 11.56
N GLY B 107 -0.41 17.75 10.87
CA GLY B 107 -1.33 16.81 11.44
C GLY B 107 -2.78 17.11 11.09
N ALA B 108 -3.64 16.12 11.32
CA ALA B 108 -5.07 16.32 11.15
C ALA B 108 -5.62 17.33 12.17
N LEU B 109 -6.80 17.86 11.88
CA LEU B 109 -7.36 18.99 12.63
C LEU B 109 -8.45 18.49 13.59
N ASP B 110 -8.17 18.47 14.90
CA ASP B 110 -9.22 17.99 15.81
C ASP B 110 -10.01 19.09 16.50
N TYR B 111 -9.68 20.36 16.29
CA TYR B 111 -10.47 21.47 16.82
C TYR B 111 -11.04 22.30 15.69
N TRP B 112 -12.34 22.61 15.76
CA TRP B 112 -13.00 23.37 14.71
C TRP B 112 -13.93 24.40 15.33
N GLY B 113 -13.92 25.61 14.78
CA GLY B 113 -14.92 26.61 15.15
C GLY B 113 -16.30 26.24 14.62
N GLN B 114 -17.28 27.05 15.00
CA GLN B 114 -18.66 26.76 14.60
C GLN B 114 -18.97 27.16 13.16
N GLY B 115 -18.05 27.83 12.48
CA GLY B 115 -18.27 28.28 11.12
C GLY B 115 -18.80 29.70 11.09
N THR B 116 -18.48 30.40 10.00
CA THR B 116 -18.97 31.75 9.73
C THR B 116 -19.47 31.75 8.31
N LEU B 117 -20.78 31.97 8.12
CA LEU B 117 -21.32 32.05 6.77
C LEU B 117 -20.99 33.40 6.16
N VAL B 118 -20.29 33.40 5.02
CA VAL B 118 -20.03 34.62 4.25
C VAL B 118 -20.76 34.47 2.93
N THR B 119 -21.73 35.35 2.69
CA THR B 119 -22.53 35.29 1.48
C THR B 119 -22.21 36.48 0.58
N VAL B 120 -21.93 36.20 -0.68
CA VAL B 120 -21.61 37.22 -1.68
C VAL B 120 -22.79 37.43 -2.62
N SER B 121 -23.31 38.66 -2.64
CA SER B 121 -24.16 39.22 -3.71
C SER B 121 -25.00 40.35 -3.13
N GLY C 3 -2.55 -2.31 -25.63
CA GLY C 3 -3.79 -2.87 -25.12
C GLY C 3 -4.39 -2.04 -24.01
N THR C 4 -5.71 -2.12 -23.85
CA THR C 4 -6.39 -1.42 -22.78
C THR C 4 -7.46 -2.33 -22.16
N ILE C 5 -7.68 -2.15 -20.87
CA ILE C 5 -8.72 -2.88 -20.17
C ILE C 5 -9.80 -1.90 -19.76
N GLU C 6 -11.03 -2.30 -20.02
CA GLU C 6 -12.17 -1.46 -19.76
C GLU C 6 -13.22 -2.14 -18.94
N THR C 7 -13.89 -1.36 -18.12
CA THR C 7 -14.96 -1.87 -17.27
C THR C 7 -16.07 -0.86 -17.32
N THR C 8 -17.26 -1.28 -16.87
CA THR C 8 -18.37 -0.34 -16.76
C THR C 8 -18.12 0.75 -15.71
N GLY C 9 -17.33 0.47 -14.69
CA GLY C 9 -16.93 1.51 -13.76
C GLY C 9 -17.69 1.52 -12.45
N ASN C 10 -18.99 1.79 -12.52
CA ASN C 10 -19.86 1.82 -11.35
C ASN C 10 -21.05 0.93 -11.65
N ILE C 11 -21.34 -0.01 -10.75
CA ILE C 11 -22.53 -0.84 -10.89
C ILE C 11 -23.29 -0.85 -9.56
N SER C 12 -24.60 -0.98 -9.65
CA SER C 12 -25.40 -1.07 -8.45
C SER C 12 -26.35 -2.25 -8.58
N ALA C 13 -26.61 -2.89 -7.44
CA ALA C 13 -27.48 -4.06 -7.41
C ALA C 13 -28.19 -4.10 -6.07
N GLU C 14 -29.27 -4.83 -6.03
CA GLU C 14 -30.12 -4.95 -4.87
C GLU C 14 -29.55 -5.91 -3.86
N LYS C 15 -29.75 -5.66 -2.57
CA LYS C 15 -29.39 -6.60 -1.55
C LYS C 15 -30.10 -7.93 -1.80
N GLY C 16 -29.38 -9.02 -1.66
CA GLY C 16 -29.97 -10.32 -1.89
C GLY C 16 -29.87 -10.81 -3.31
N GLY C 17 -29.60 -9.93 -4.26
CA GLY C 17 -29.49 -10.31 -5.64
C GLY C 17 -28.11 -10.86 -5.96
N SER C 18 -27.91 -11.08 -7.24
CA SER C 18 -26.63 -11.52 -7.77
C SER C 18 -26.22 -10.55 -8.87
N ILE C 19 -24.91 -10.43 -9.10
CA ILE C 19 -24.44 -9.49 -10.10
C ILE C 19 -23.16 -10.02 -10.73
N ILE C 20 -23.01 -9.77 -12.03
CA ILE C 20 -21.81 -10.15 -12.77
C ILE C 20 -20.81 -9.00 -12.74
N LEU C 21 -19.58 -9.31 -12.30
CA LEU C 21 -18.44 -8.41 -12.40
C LEU C 21 -17.63 -8.86 -13.58
N GLN C 22 -17.29 -7.95 -14.49
CA GLN C 22 -16.62 -8.48 -15.67
C GLN C 22 -15.75 -7.38 -16.25
N CYS C 23 -14.67 -7.77 -16.90
CA CYS C 23 -13.78 -6.82 -17.58
C CYS C 23 -13.59 -7.21 -19.03
N HIS C 24 -13.17 -6.24 -19.83
CA HIS C 24 -12.87 -6.51 -21.23
C HIS C 24 -11.49 -6.00 -21.56
N LEU C 25 -10.61 -6.91 -21.98
CA LEU C 25 -9.30 -6.57 -22.52
C LEU C 25 -9.42 -6.44 -24.02
N SER C 26 -9.02 -5.30 -24.57
CA SER C 26 -9.13 -5.07 -26.01
C SER C 26 -7.82 -4.50 -26.55
N SER C 27 -7.74 -4.51 -27.88
CA SER C 27 -6.63 -3.91 -28.64
C SER C 27 -5.28 -4.56 -28.30
N THR C 28 -5.30 -5.87 -28.08
CA THR C 28 -4.07 -6.64 -27.94
C THR C 28 -4.34 -8.12 -28.22
N THR C 29 -3.34 -8.78 -28.81
CA THR C 29 -3.38 -10.21 -29.08
C THR C 29 -2.66 -11.03 -28.03
N ALA C 30 -2.27 -10.45 -26.90
CA ALA C 30 -1.58 -11.24 -25.90
C ALA C 30 -2.48 -12.37 -25.40
N GLN C 31 -1.84 -13.40 -24.91
CA GLN C 31 -2.47 -14.54 -24.33
C GLN C 31 -2.72 -14.26 -22.86
N VAL C 32 -3.96 -14.41 -22.42
CA VAL C 32 -4.31 -14.25 -21.01
C VAL C 32 -4.02 -15.57 -20.31
N THR C 33 -3.08 -15.56 -19.38
CA THR C 33 -2.75 -16.77 -18.66
C THR C 33 -3.47 -16.89 -17.33
N GLN C 34 -3.89 -15.77 -16.74
CA GLN C 34 -4.53 -15.80 -15.44
C GLN C 34 -5.24 -14.49 -15.22
N VAL C 35 -6.43 -14.54 -14.59
CA VAL C 35 -7.18 -13.36 -14.17
C VAL C 35 -7.47 -13.46 -12.68
N ASN C 36 -7.09 -12.43 -11.92
CA ASN C 36 -7.33 -12.40 -10.47
C ASN C 36 -8.42 -11.39 -10.15
N TRP C 37 -9.43 -11.84 -9.41
CA TRP C 37 -10.50 -10.96 -8.93
C TRP C 37 -10.28 -10.71 -7.43
N GLU C 38 -10.17 -9.45 -7.04
CA GLU C 38 -9.88 -9.22 -5.62
C GLU C 38 -10.37 -7.87 -5.15
N GLN C 39 -10.31 -7.72 -3.84
CA GLN C 39 -10.46 -6.42 -3.16
C GLN C 39 -9.07 -5.98 -2.66
N GLN C 40 -9.00 -4.89 -1.94
CA GLN C 40 -7.77 -4.35 -1.38
C GLN C 40 -6.88 -5.40 -0.73
N ASP C 41 -7.40 -6.09 0.23
CA ASP C 41 -6.55 -7.11 0.83
C ASP C 41 -7.26 -8.42 1.00
N GLN C 42 -8.06 -8.76 0.00
CA GLN C 42 -8.78 -10.00 0.00
C GLN C 42 -8.99 -10.54 -1.39
N LEU C 43 -8.55 -11.77 -1.64
CA LEU C 43 -8.76 -12.41 -2.93
C LEU C 43 -10.20 -12.92 -2.98
N LEU C 44 -10.83 -12.76 -4.12
CA LEU C 44 -12.11 -13.40 -4.38
C LEU C 44 -11.91 -14.70 -5.14
N ALA C 45 -11.26 -14.64 -6.30
CA ALA C 45 -11.16 -15.83 -7.13
C ALA C 45 -10.10 -15.58 -8.19
N ILE C 46 -9.54 -16.68 -8.70
CA ILE C 46 -8.55 -16.61 -9.77
C ILE C 46 -8.98 -17.59 -10.86
N CYS C 47 -8.98 -17.13 -12.10
CA CYS C 47 -9.18 -18.02 -13.22
C CYS C 47 -7.83 -18.23 -13.89
N ASN C 48 -7.30 -19.44 -13.77
CA ASN C 48 -6.03 -19.79 -14.39
C ASN C 48 -6.29 -20.55 -15.69
N ALA C 49 -5.64 -20.13 -16.79
CA ALA C 49 -5.95 -20.72 -18.09
C ALA C 49 -5.72 -22.22 -18.11
N ASP C 50 -4.67 -22.68 -17.43
CA ASP C 50 -4.34 -24.11 -17.47
C ASP C 50 -5.06 -24.91 -16.39
N LEU C 51 -5.25 -24.35 -15.20
CA LEU C 51 -5.70 -25.13 -14.06
C LEU C 51 -7.15 -24.88 -13.68
N GLY C 52 -7.80 -23.86 -14.25
CA GLY C 52 -9.18 -23.56 -13.91
C GLY C 52 -9.30 -22.55 -12.79
N TRP C 53 -10.47 -22.55 -12.17
CA TRP C 53 -10.83 -21.56 -11.17
C TRP C 53 -10.42 -22.00 -9.76
N HIS C 54 -9.84 -21.05 -9.04
CA HIS C 54 -9.61 -21.14 -7.60
C HIS C 54 -10.50 -20.10 -6.94
N ILE C 55 -11.33 -20.52 -5.98
CA ILE C 55 -12.18 -19.58 -5.25
C ILE C 55 -11.69 -19.48 -3.81
N SER C 56 -11.54 -18.25 -3.32
CA SER C 56 -11.09 -18.05 -1.96
C SER C 56 -12.10 -18.67 -0.98
N PRO C 57 -11.61 -19.29 0.12
CA PRO C 57 -12.53 -19.84 1.12
C PRO C 57 -13.59 -18.85 1.59
N SER C 58 -13.23 -17.57 1.74
CA SER C 58 -14.17 -16.56 2.20
C SER C 58 -15.34 -16.35 1.24
N PHE C 59 -15.23 -16.80 0.02
CA PHE C 59 -16.26 -16.55 -0.95
C PHE C 59 -16.81 -17.78 -1.61
N LYS C 60 -16.40 -18.92 -1.13
CA LYS C 60 -16.79 -20.16 -1.74
C LYS C 60 -18.24 -20.45 -1.88
N ASP C 61 -19.00 -20.03 -0.92
CA ASP C 61 -20.39 -20.33 -0.98
C ASP C 61 -21.23 -19.28 -1.68
N ARG C 62 -20.64 -18.21 -2.17
CA ARG C 62 -21.45 -17.18 -2.78
C ARG C 62 -20.90 -16.55 -4.04
N VAL C 63 -20.03 -17.27 -4.71
CA VAL C 63 -19.44 -16.84 -5.94
C VAL C 63 -19.49 -17.97 -6.92
N ALA C 64 -20.01 -17.68 -8.07
CA ALA C 64 -20.04 -18.58 -9.20
C ALA C 64 -19.06 -18.09 -10.25
N PRO C 65 -18.08 -18.89 -10.63
CA PRO C 65 -17.17 -18.49 -11.70
C PRO C 65 -17.92 -18.21 -13.00
N GLY C 66 -17.42 -17.25 -13.75
CA GLY C 66 -17.97 -16.92 -15.03
C GLY C 66 -19.11 -15.93 -14.93
N PRO C 67 -19.71 -15.59 -16.07
CA PRO C 67 -19.41 -16.07 -17.42
C PRO C 67 -18.00 -15.68 -17.94
N GLY C 68 -17.34 -16.61 -18.63
CA GLY C 68 -16.02 -16.30 -19.18
C GLY C 68 -15.03 -15.97 -18.07
N LEU C 69 -14.31 -14.87 -18.26
CA LEU C 69 -13.33 -14.40 -17.29
C LEU C 69 -13.95 -13.47 -16.24
N GLY C 70 -15.27 -13.33 -16.24
CA GLY C 70 -15.95 -12.58 -15.20
C GLY C 70 -16.29 -13.45 -14.01
N LEU C 71 -17.00 -12.83 -13.06
CA LEU C 71 -17.36 -13.50 -11.81
C LEU C 71 -18.78 -13.10 -11.44
N THR C 72 -19.56 -14.05 -10.92
CA THR C 72 -20.93 -13.78 -10.45
C THR C 72 -20.92 -13.77 -8.92
N LEU C 73 -21.16 -12.60 -8.34
CA LEU C 73 -21.28 -12.46 -6.90
C LEU C 73 -22.74 -12.64 -6.51
N GLN C 74 -22.99 -13.57 -5.58
CA GLN C 74 -24.34 -13.97 -5.22
C GLN C 74 -24.69 -13.57 -3.79
N SER C 75 -25.99 -13.55 -3.49
CA SER C 75 -26.50 -13.26 -2.16
C SER C 75 -25.89 -11.97 -1.62
N LEU C 76 -26.01 -10.91 -2.40
CA LEU C 76 -25.32 -9.66 -2.07
C LEU C 76 -25.80 -9.11 -0.73
N THR C 77 -24.86 -8.59 0.05
CA THR C 77 -25.20 -7.85 1.26
C THR C 77 -24.63 -6.44 1.14
N VAL C 78 -25.08 -5.56 2.03
CA VAL C 78 -24.54 -4.20 1.99
C VAL C 78 -23.06 -4.20 2.32
N ASN C 79 -22.55 -5.28 2.93
CA ASN C 79 -21.12 -5.38 3.21
C ASN C 79 -20.30 -5.57 1.94
N ASP C 80 -20.93 -5.92 0.82
CA ASP C 80 -20.24 -6.10 -0.44
C ASP C 80 -20.00 -4.79 -1.19
N THR C 81 -20.56 -3.68 -0.73
CA THR C 81 -20.30 -2.39 -1.35
C THR C 81 -18.82 -2.06 -1.23
N GLY C 82 -18.20 -1.66 -2.34
CA GLY C 82 -16.80 -1.32 -2.29
C GLY C 82 -16.11 -1.46 -3.63
N GLU C 83 -14.80 -1.29 -3.59
CA GLU C 83 -13.97 -1.32 -4.80
C GLU C 83 -13.51 -2.74 -5.09
N TYR C 84 -13.62 -3.15 -6.34
CA TYR C 84 -13.20 -4.47 -6.80
C TYR C 84 -12.17 -4.30 -7.91
N PHE C 85 -11.25 -5.26 -8.00
CA PHE C 85 -10.19 -5.19 -8.99
C PHE C 85 -10.15 -6.48 -9.79
N CYS C 86 -9.82 -6.35 -11.05
CA CYS C 86 -9.59 -7.47 -11.92
C CYS C 86 -8.18 -7.31 -12.50
N ILE C 87 -7.28 -8.24 -12.23
CA ILE C 87 -5.90 -8.13 -12.71
C ILE C 87 -5.69 -9.22 -13.76
N TYR C 88 -5.47 -8.82 -15.02
CA TYR C 88 -5.15 -9.75 -16.10
C TYR C 88 -3.64 -9.93 -16.16
N HIS C 89 -3.19 -11.18 -16.18
CA HIS C 89 -1.79 -11.52 -16.40
C HIS C 89 -1.66 -12.08 -17.81
N THR C 90 -0.84 -11.44 -18.64
CA THR C 90 -0.80 -11.75 -20.06
C THR C 90 0.64 -11.84 -20.55
N TYR C 91 0.81 -12.58 -21.63
CA TYR C 91 2.09 -12.73 -22.31
C TYR C 91 1.92 -12.32 -23.76
N PRO C 92 2.79 -11.43 -24.29
CA PRO C 92 3.95 -10.90 -23.56
C PRO C 92 3.73 -9.56 -22.86
N ASP C 93 2.50 -9.03 -22.88
CA ASP C 93 2.30 -7.62 -22.48
C ASP C 93 2.51 -7.40 -20.99
N GLY C 94 2.24 -8.41 -20.16
CA GLY C 94 2.23 -8.21 -18.72
C GLY C 94 0.84 -7.95 -18.17
N THR C 95 0.78 -7.10 -17.15
CA THR C 95 -0.42 -6.92 -16.34
C THR C 95 -1.31 -5.80 -16.88
N TYR C 96 -2.60 -6.04 -16.87
CA TYR C 96 -3.62 -5.01 -17.04
C TYR C 96 -4.54 -5.05 -15.83
N THR C 97 -4.90 -3.87 -15.29
CA THR C 97 -5.71 -3.82 -14.07
C THR C 97 -6.97 -3.03 -14.31
N GLY C 98 -8.12 -3.66 -14.03
CA GLY C 98 -9.42 -2.99 -14.10
C GLY C 98 -10.00 -2.72 -12.72
N ARG C 99 -10.84 -1.69 -12.63
CA ARG C 99 -11.49 -1.28 -11.39
C ARG C 99 -13.00 -1.25 -11.58
N ILE C 100 -13.74 -1.73 -10.58
CA ILE C 100 -15.19 -1.63 -10.55
C ILE C 100 -15.60 -1.21 -9.14
N PHE C 101 -16.43 -0.16 -9.04
CA PHE C 101 -17.07 0.14 -7.77
C PHE C 101 -18.48 -0.44 -7.79
N LEU C 102 -18.81 -1.24 -6.78
CA LEU C 102 -20.13 -1.84 -6.65
C LEU C 102 -20.84 -1.25 -5.44
N GLU C 103 -22.07 -0.82 -5.64
CA GLU C 103 -22.85 -0.46 -4.49
C GLU C 103 -24.08 -1.37 -4.39
N VAL C 104 -24.23 -2.02 -3.26
CA VAL C 104 -25.36 -2.89 -3.00
C VAL C 104 -26.42 -2.07 -2.28
N LEU C 105 -27.61 -1.97 -2.87
CA LEU C 105 -28.63 -1.04 -2.40
C LEU C 105 -29.70 -1.71 -1.55
N GLU C 106 -30.28 -0.96 -0.66
CA GLU C 106 -31.31 -1.48 0.17
C GLU C 106 -32.51 -0.56 0.05
N SER D 20 6.86 -9.71 -20.12
CA SER D 20 6.77 -8.83 -18.96
C SER D 20 6.19 -9.55 -17.74
N GLU D 21 7.07 -9.62 -16.76
CA GLU D 21 6.77 -10.25 -15.52
C GLU D 21 7.07 -9.28 -14.42
N ILE D 22 6.48 -9.52 -13.28
CA ILE D 22 6.75 -8.71 -12.09
C ILE D 22 8.15 -9.03 -11.59
N VAL D 23 8.98 -7.99 -11.47
CA VAL D 23 10.35 -8.14 -11.03
C VAL D 23 10.45 -7.70 -9.57
N LEU D 24 11.03 -8.55 -8.74
CA LEU D 24 11.28 -8.25 -7.33
C LEU D 24 12.76 -7.96 -7.15
N THR D 25 13.07 -6.77 -6.64
CA THR D 25 14.45 -6.36 -6.40
C THR D 25 14.71 -6.28 -4.90
N GLN D 26 15.60 -7.14 -4.41
CA GLN D 26 15.91 -7.20 -2.98
C GLN D 26 17.15 -6.36 -2.67
N SER D 27 17.10 -5.66 -1.54
CA SER D 27 18.22 -4.84 -1.07
C SER D 27 18.37 -5.05 0.44
N PRO D 28 19.62 -5.06 0.97
CA PRO D 28 20.85 -5.00 0.20
C PRO D 28 21.22 -6.37 -0.35
N GLY D 29 22.29 -6.45 -1.14
CA GLY D 29 22.72 -7.74 -1.63
C GLY D 29 23.21 -8.65 -0.51
N THR D 30 23.95 -8.09 0.44
CA THR D 30 24.48 -8.81 1.59
C THR D 30 24.35 -7.95 2.84
N LEU D 31 24.16 -8.63 3.97
CA LEU D 31 24.14 -8.01 5.29
C LEU D 31 25.10 -8.78 6.17
N SER D 32 25.92 -8.08 6.95
CA SER D 32 26.80 -8.74 7.90
C SER D 32 26.55 -8.15 9.27
N LEU D 33 26.01 -8.95 10.18
CA LEU D 33 25.56 -8.47 11.47
C LEU D 33 25.97 -9.44 12.57
N SER D 34 25.88 -8.97 13.80
CA SER D 34 26.30 -9.77 14.94
C SER D 34 25.11 -10.46 15.58
N PRO D 35 25.34 -11.58 16.28
CA PRO D 35 24.25 -12.23 17.01
C PRO D 35 23.55 -11.26 17.96
N GLY D 36 22.22 -11.36 18.01
CA GLY D 36 21.40 -10.53 18.86
C GLY D 36 20.88 -9.27 18.19
N GLU D 37 21.43 -8.90 17.05
CA GLU D 37 20.98 -7.70 16.37
C GLU D 37 19.78 -8.03 15.49
N ARG D 38 19.23 -7.00 14.86
CA ARG D 38 18.12 -7.12 13.93
C ARG D 38 18.60 -6.94 12.50
N ALA D 39 18.17 -7.85 11.62
CA ALA D 39 18.39 -7.71 10.19
C ALA D 39 17.13 -7.14 9.55
N THR D 40 17.30 -6.14 8.69
CA THR D 40 16.18 -5.52 7.98
C THR D 40 16.37 -5.76 6.49
N LEU D 41 15.46 -6.53 5.88
CA LEU D 41 15.57 -6.90 4.47
C LEU D 41 14.43 -6.24 3.70
N SER D 42 14.74 -5.73 2.52
CA SER D 42 13.80 -4.95 1.74
C SER D 42 13.59 -5.57 0.37
N CYS D 43 12.37 -5.44 -0.14
CA CYS D 43 12.06 -5.84 -1.49
C CYS D 43 11.20 -4.80 -2.17
N ARG D 44 11.63 -4.36 -3.34
CA ARG D 44 10.85 -3.48 -4.20
C ARG D 44 10.24 -4.29 -5.34
N ALA D 45 8.95 -4.13 -5.55
CA ALA D 45 8.25 -4.78 -6.65
C ALA D 45 8.11 -3.79 -7.80
N SER D 46 8.23 -4.29 -9.03
CA SER D 46 8.21 -3.43 -10.21
C SER D 46 6.85 -2.83 -10.47
N GLN D 47 5.80 -3.35 -9.84
CA GLN D 47 4.46 -2.79 -9.88
C GLN D 47 3.81 -3.11 -8.55
N SER D 48 2.74 -2.39 -8.23
CA SER D 48 2.06 -2.61 -6.98
C SER D 48 1.42 -4.00 -6.96
N VAL D 49 1.56 -4.71 -5.86
CA VAL D 49 1.02 -6.05 -5.71
C VAL D 49 0.33 -6.16 -4.36
N SER D 50 -0.83 -6.82 -4.38
CA SER D 50 -1.58 -7.04 -3.15
C SER D 50 -0.74 -7.81 -2.12
N SER D 51 -0.90 -7.42 -0.86
CA SER D 51 -0.19 -8.07 0.23
C SER D 51 -0.57 -9.53 0.38
N SER D 52 -1.75 -9.94 -0.10
CA SER D 52 -2.11 -11.34 -0.06
C SER D 52 -1.19 -12.23 -0.88
N TYR D 53 -0.25 -11.67 -1.66
CA TYR D 53 0.56 -12.49 -2.55
C TYR D 53 2.03 -12.53 -2.17
N LEU D 54 2.42 -11.97 -1.05
CA LEU D 54 3.85 -11.81 -0.76
C LEU D 54 4.34 -12.87 0.23
N ALA D 55 5.47 -13.50 -0.08
CA ALA D 55 6.07 -14.48 0.81
C ALA D 55 7.56 -14.21 0.98
N TRP D 56 8.10 -14.74 2.08
CA TRP D 56 9.54 -14.73 2.34
C TRP D 56 10.01 -16.13 2.72
N TYR D 57 11.21 -16.48 2.20
CA TYR D 57 11.82 -17.79 2.40
C TYR D 57 13.23 -17.63 2.93
N GLN D 58 13.67 -18.61 3.72
CA GLN D 58 15.04 -18.69 4.23
C GLN D 58 15.69 -19.90 3.57
N GLN D 59 16.92 -19.73 3.07
CA GLN D 59 17.67 -20.87 2.52
C GLN D 59 19.05 -20.93 3.20
N LYS D 60 19.20 -21.85 4.15
CA LYS D 60 20.51 -22.04 4.78
C LYS D 60 21.45 -22.77 3.84
N PRO D 61 22.75 -22.66 4.07
CA PRO D 61 23.72 -23.22 3.11
C PRO D 61 23.48 -24.70 2.85
N GLY D 62 23.38 -25.04 1.56
CA GLY D 62 23.19 -26.41 1.16
C GLY D 62 21.81 -26.98 1.37
N GLN D 63 20.88 -26.20 1.92
CA GLN D 63 19.56 -26.71 2.27
C GLN D 63 18.51 -26.15 1.30
N ALA D 64 17.31 -26.70 1.41
CA ALA D 64 16.18 -26.22 0.62
C ALA D 64 15.54 -25.00 1.28
N PRO D 65 14.79 -24.22 0.52
CA PRO D 65 14.07 -23.09 1.10
C PRO D 65 13.14 -23.51 2.22
N ARG D 66 12.94 -22.59 3.17
CA ARG D 66 12.02 -22.74 4.30
C ARG D 66 11.09 -21.54 4.28
N LEU D 67 9.78 -21.77 4.21
CA LEU D 67 8.84 -20.66 4.21
C LEU D 67 8.80 -20.00 5.57
N LEU D 68 8.94 -18.67 5.59
CA LEU D 68 8.84 -17.88 6.82
C LEU D 68 7.53 -17.13 6.96
N ILE D 69 7.14 -16.43 5.90
CA ILE D 69 6.04 -15.48 5.90
C ILE D 69 5.23 -15.70 4.64
N TYR D 70 3.90 -15.65 4.76
CA TYR D 70 3.01 -15.60 3.60
C TYR D 70 1.99 -14.50 3.83
N GLY D 71 1.34 -14.08 2.74
CA GLY D 71 0.38 -13.00 2.89
C GLY D 71 1.00 -11.73 3.43
N ALA D 72 2.27 -11.49 3.10
CA ALA D 72 3.09 -10.35 3.50
C ALA D 72 3.44 -10.33 5.00
N SER D 73 2.52 -10.75 5.86
CA SER D 73 2.76 -10.59 7.29
C SER D 73 2.37 -11.78 8.16
N SER D 74 1.86 -12.88 7.60
CA SER D 74 1.47 -14.04 8.39
C SER D 74 2.67 -14.97 8.54
N ARG D 75 2.93 -15.45 9.76
CA ARG D 75 3.98 -16.43 9.97
C ARG D 75 3.50 -17.82 9.57
N ALA D 76 4.33 -18.53 8.83
CA ALA D 76 4.07 -19.93 8.51
C ALA D 76 4.08 -20.78 9.79
N THR D 77 3.48 -21.97 9.69
CA THR D 77 3.37 -22.84 10.86
C THR D 77 4.72 -23.06 11.52
N GLY D 78 4.78 -22.79 12.83
CA GLY D 78 5.98 -23.06 13.60
C GLY D 78 7.04 -21.98 13.53
N ILE D 79 6.85 -20.94 12.73
CA ILE D 79 7.85 -19.88 12.60
C ILE D 79 7.72 -18.92 13.79
N PRO D 80 8.81 -18.58 14.46
CA PRO D 80 8.70 -17.70 15.63
C PRO D 80 8.48 -16.25 15.25
N ASP D 81 7.95 -15.49 16.22
CA ASP D 81 7.56 -14.11 16.00
C ASP D 81 8.73 -13.20 15.65
N ARG D 82 9.98 -13.62 15.94
CA ARG D 82 11.11 -12.77 15.62
C ARG D 82 11.33 -12.61 14.11
N PHE D 83 10.65 -13.40 13.29
CA PHE D 83 10.57 -13.17 11.85
C PHE D 83 9.29 -12.40 11.59
N SER D 84 9.42 -11.16 11.12
CA SER D 84 8.24 -10.31 10.93
C SER D 84 8.21 -9.74 9.52
N GLY D 85 7.10 -9.89 8.82
CA GLY D 85 6.95 -9.35 7.49
C GLY D 85 5.99 -8.15 7.51
N SER D 86 6.30 -7.16 6.68
CA SER D 86 5.41 -6.00 6.59
C SER D 86 5.52 -5.37 5.20
N GLY D 87 4.79 -4.28 5.00
CA GLY D 87 4.82 -3.55 3.75
C GLY D 87 3.52 -3.66 2.98
N SER D 88 3.47 -2.91 1.88
CA SER D 88 2.29 -2.90 1.02
C SER D 88 2.70 -2.30 -0.32
N GLY D 89 1.89 -2.55 -1.33
CA GLY D 89 2.07 -1.90 -2.62
C GLY D 89 3.30 -2.34 -3.37
N THR D 90 4.31 -1.48 -3.47
CA THR D 90 5.55 -1.82 -4.13
C THR D 90 6.70 -2.11 -3.17
N ASP D 91 6.50 -2.02 -1.86
CA ASP D 91 7.66 -2.10 -0.97
C ASP D 91 7.34 -2.96 0.25
N PHE D 92 8.13 -4.02 0.44
CA PHE D 92 7.91 -4.97 1.51
C PHE D 92 9.19 -5.18 2.28
N THR D 93 9.05 -5.58 3.54
CA THR D 93 10.19 -5.79 4.40
C THR D 93 10.04 -7.06 5.22
N LEU D 94 11.18 -7.69 5.48
CA LEU D 94 11.29 -8.77 6.44
C LEU D 94 12.29 -8.31 7.49
N THR D 95 11.91 -8.35 8.76
CA THR D 95 12.89 -8.14 9.81
C THR D 95 13.13 -9.43 10.58
N ILE D 96 14.39 -9.68 10.90
CA ILE D 96 14.80 -10.84 11.67
C ILE D 96 15.41 -10.30 12.94
N SER D 97 14.66 -10.41 14.04
CA SER D 97 15.13 -9.89 15.32
C SER D 97 15.89 -10.97 16.09
N ARG D 98 16.75 -10.50 16.99
CA ARG D 98 17.60 -11.37 17.83
C ARG D 98 18.32 -12.44 17.00
N LEU D 99 19.14 -11.97 16.06
CA LEU D 99 19.82 -12.85 15.12
C LEU D 99 20.54 -14.00 15.83
N GLU D 100 20.31 -15.19 15.33
CA GLU D 100 21.00 -16.39 15.80
C GLU D 100 22.07 -16.82 14.81
N PRO D 101 23.08 -17.56 15.26
CA PRO D 101 24.10 -18.04 14.33
C PRO D 101 23.51 -18.84 13.18
N GLU D 102 22.46 -19.62 13.43
CA GLU D 102 21.87 -20.41 12.37
C GLU D 102 21.03 -19.59 11.40
N ASP D 103 20.88 -18.28 11.62
CA ASP D 103 20.19 -17.42 10.66
C ASP D 103 21.04 -17.12 9.43
N PHE D 104 22.31 -17.55 9.42
CA PHE D 104 23.17 -17.42 8.26
C PHE D 104 22.54 -18.13 7.07
N ALA D 105 22.15 -17.37 6.05
CA ALA D 105 21.28 -17.91 5.01
C ALA D 105 21.07 -16.83 3.96
N VAL D 106 20.56 -17.23 2.78
CA VAL D 106 20.01 -16.29 1.81
C VAL D 106 18.50 -16.26 1.99
N TYR D 107 17.92 -15.07 1.95
CA TYR D 107 16.47 -14.87 2.13
C TYR D 107 15.89 -14.36 0.82
N TYR D 108 14.82 -15.00 0.39
CA TYR D 108 14.17 -14.66 -0.90
C TYR D 108 12.74 -14.17 -0.70
N CYS D 109 12.38 -13.15 -1.47
CA CYS D 109 11.00 -12.64 -1.50
C CYS D 109 10.31 -13.29 -2.71
N GLN D 110 9.01 -13.53 -2.58
CA GLN D 110 8.25 -14.12 -3.69
C GLN D 110 6.88 -13.46 -3.74
N GLN D 111 6.40 -13.21 -4.95
CA GLN D 111 4.98 -12.93 -5.13
C GLN D 111 4.36 -14.12 -5.85
N TYR D 112 3.24 -14.61 -5.32
CA TYR D 112 2.57 -15.77 -5.89
C TYR D 112 1.18 -15.40 -6.40
N GLY D 113 1.06 -14.20 -6.95
CA GLY D 113 -0.22 -13.74 -7.47
C GLY D 113 -0.39 -13.80 -8.98
N SER D 114 0.70 -13.95 -9.74
CA SER D 114 0.64 -13.87 -11.20
C SER D 114 0.50 -15.23 -11.85
N SER D 115 0.77 -16.31 -11.12
CA SER D 115 0.71 -17.69 -11.57
C SER D 115 0.75 -18.54 -10.31
N PRO D 116 0.61 -19.86 -10.39
CA PRO D 116 0.68 -20.62 -9.14
C PRO D 116 2.03 -20.49 -8.46
N GLY D 117 3.10 -20.29 -9.21
CA GLY D 117 4.43 -20.17 -8.62
C GLY D 117 4.97 -18.75 -8.58
N GLY D 118 4.42 -17.85 -9.38
CA GLY D 118 4.81 -16.45 -9.28
C GLY D 118 6.26 -16.21 -9.67
N THR D 119 6.85 -15.19 -9.04
CA THR D 119 8.24 -14.82 -9.29
C THR D 119 8.94 -14.53 -7.98
N PHE D 120 10.27 -14.68 -8.02
CA PHE D 120 11.17 -14.56 -6.88
C PHE D 120 12.17 -13.44 -7.06
N GLY D 121 12.56 -12.82 -5.94
CA GLY D 121 13.70 -11.94 -5.94
C GLY D 121 15.00 -12.70 -6.01
N GLN D 122 16.07 -11.94 -6.11
CA GLN D 122 17.41 -12.46 -6.24
C GLN D 122 18.08 -12.84 -4.92
N GLY D 123 17.49 -12.43 -3.83
CA GLY D 123 17.92 -12.82 -2.50
C GLY D 123 18.78 -11.77 -1.82
N THR D 124 18.77 -11.82 -0.48
CA THR D 124 19.71 -11.05 0.34
C THR D 124 20.47 -12.06 1.18
N LYS D 125 21.77 -12.03 1.15
CA LYS D 125 22.57 -12.93 1.95
C LYS D 125 22.80 -12.32 3.30
N VAL D 126 22.46 -13.02 4.36
CA VAL D 126 22.68 -12.55 5.72
C VAL D 126 23.83 -13.36 6.31
N GLU D 127 24.89 -12.67 6.71
CA GLU D 127 26.03 -13.29 7.37
C GLU D 127 26.02 -12.90 8.82
N ILE D 128 26.38 -13.84 9.70
CA ILE D 128 26.38 -13.61 11.13
C ILE D 128 27.83 -13.61 11.58
N LYS D 129 28.27 -12.51 12.17
CA LYS D 129 29.68 -12.38 12.52
C LYS D 129 30.05 -13.35 13.63
N ARG D 130 31.30 -13.75 13.73
CA ARG D 130 31.72 -14.60 14.84
C ARG D 130 32.05 -13.70 16.02
N MET E 1 4.35 -36.36 12.61
CA MET E 1 4.99 -36.64 11.33
C MET E 1 4.69 -35.44 10.45
N GLU E 2 5.68 -34.97 9.70
CA GLU E 2 5.45 -33.90 8.74
C GLU E 2 5.65 -34.40 7.32
N VAL E 3 5.14 -33.62 6.36
CA VAL E 3 5.33 -33.93 4.92
C VAL E 3 6.82 -33.88 4.59
N GLN E 4 7.29 -34.83 3.82
CA GLN E 4 8.64 -34.89 3.37
C GLN E 4 8.66 -35.12 1.90
N LEU E 5 9.49 -34.39 1.19
CA LEU E 5 9.65 -34.54 -0.26
C LEU E 5 11.07 -35.04 -0.50
N VAL E 6 11.21 -36.22 -1.08
CA VAL E 6 12.54 -36.84 -1.30
C VAL E 6 12.78 -36.99 -2.80
N GLN E 7 13.81 -36.32 -3.27
CA GLN E 7 14.13 -36.26 -4.68
C GLN E 7 15.19 -37.28 -5.08
N SER E 8 15.28 -37.51 -6.39
CA SER E 8 16.29 -38.42 -6.93
C SER E 8 17.66 -37.73 -6.96
N GLY E 9 18.69 -38.52 -7.28
CA GLY E 9 20.07 -38.08 -7.11
C GLY E 9 20.62 -37.26 -8.27
N ALA E 10 21.83 -36.75 -8.06
CA ALA E 10 22.43 -35.84 -9.03
C ALA E 10 22.59 -36.47 -10.40
N GLU E 11 22.56 -35.63 -11.43
CA GLU E 11 22.59 -36.04 -12.82
C GLU E 11 23.65 -35.25 -13.57
N VAL E 12 24.39 -35.94 -14.45
CA VAL E 12 25.33 -35.33 -15.37
C VAL E 12 24.94 -35.70 -16.79
N LYS E 13 24.76 -34.68 -17.64
CA LYS E 13 24.17 -34.88 -18.96
C LYS E 13 24.93 -34.05 -19.98
N LYS E 14 24.96 -34.55 -21.23
CA LYS E 14 25.56 -33.83 -22.34
C LYS E 14 24.55 -32.85 -22.94
N PRO E 15 25.04 -31.76 -23.54
CA PRO E 15 24.12 -30.84 -24.22
C PRO E 15 23.29 -31.58 -25.27
N GLY E 16 22.01 -31.24 -25.34
CA GLY E 16 21.07 -31.89 -26.24
C GLY E 16 20.36 -33.08 -25.65
N ALA E 17 20.84 -33.64 -24.55
CA ALA E 17 20.17 -34.76 -23.94
C ALA E 17 18.94 -34.29 -23.17
N SER E 18 18.24 -35.24 -22.58
CA SER E 18 17.14 -34.98 -21.65
C SER E 18 17.51 -35.52 -20.28
N VAL E 19 16.85 -34.98 -19.26
CA VAL E 19 17.02 -35.43 -17.89
C VAL E 19 15.64 -35.63 -17.30
N LYS E 20 15.50 -36.65 -16.45
CA LYS E 20 14.26 -36.95 -15.76
C LYS E 20 14.56 -37.05 -14.27
N VAL E 21 13.98 -36.16 -13.49
CA VAL E 21 14.14 -36.14 -12.04
C VAL E 21 12.80 -36.50 -11.42
N SER E 22 12.85 -37.09 -10.22
CA SER E 22 11.64 -37.51 -9.55
C SER E 22 11.65 -37.03 -8.10
N CYS E 23 10.46 -37.05 -7.52
CA CYS E 23 10.28 -36.70 -6.12
C CYS E 23 9.12 -37.50 -5.55
N LYS E 24 9.36 -38.13 -4.40
CA LYS E 24 8.32 -38.87 -3.68
C LYS E 24 7.89 -38.09 -2.44
N ALA E 25 6.57 -37.95 -2.26
CA ALA E 25 5.98 -37.28 -1.11
C ALA E 25 5.52 -38.31 -0.08
N SER E 26 5.79 -38.03 1.18
CA SER E 26 5.30 -38.83 2.29
C SER E 26 4.78 -37.90 3.38
N GLY E 27 3.87 -38.41 4.20
CA GLY E 27 3.41 -37.69 5.37
C GLY E 27 2.17 -36.85 5.19
N TYR E 28 1.64 -36.75 3.97
CA TYR E 28 0.43 -35.98 3.77
C TYR E 28 -0.75 -36.67 4.46
N THR E 29 -1.59 -35.87 5.13
CA THR E 29 -2.79 -36.35 5.82
C THR E 29 -4.02 -36.29 4.93
N PHE E 30 -3.88 -35.87 3.68
CA PHE E 30 -4.98 -35.86 2.74
C PHE E 30 -4.46 -36.28 1.37
N THR E 31 -5.39 -36.60 0.48
CA THR E 31 -5.06 -37.31 -0.75
C THR E 31 -4.58 -36.39 -1.87
N SER E 32 -5.22 -35.23 -2.05
CA SER E 32 -5.07 -34.45 -3.27
C SER E 32 -4.24 -33.20 -2.97
N TYR E 33 -3.14 -33.06 -3.71
CA TYR E 33 -2.30 -31.87 -3.63
C TYR E 33 -1.56 -31.70 -4.95
N TYR E 34 -1.28 -30.45 -5.28
CA TYR E 34 -0.49 -30.11 -6.45
C TYR E 34 1.00 -30.25 -6.14
N MET E 35 1.81 -30.41 -7.16
CA MET E 35 3.26 -30.46 -7.01
C MET E 35 3.94 -29.56 -8.01
N HIS E 36 4.93 -28.82 -7.55
CA HIS E 36 5.65 -27.85 -8.38
C HIS E 36 7.10 -28.26 -8.58
N TRP E 37 7.70 -27.68 -9.63
CA TRP E 37 9.16 -27.72 -9.76
C TRP E 37 9.68 -26.30 -9.90
N VAL E 38 10.82 -26.05 -9.24
CA VAL E 38 11.44 -24.73 -9.14
C VAL E 38 12.93 -24.97 -9.27
N ARG E 39 13.64 -24.17 -10.07
CA ARG E 39 15.08 -24.38 -10.19
C ARG E 39 15.88 -23.16 -9.81
N GLN E 40 17.15 -23.41 -9.50
CA GLN E 40 18.06 -22.39 -8.98
C GLN E 40 19.38 -22.57 -9.72
N ALA E 41 19.63 -21.74 -10.72
CA ALA E 41 20.92 -21.74 -11.40
C ALA E 41 21.96 -21.09 -10.49
N PRO E 42 23.25 -21.40 -10.68
CA PRO E 42 24.26 -21.01 -9.69
C PRO E 42 24.24 -19.56 -9.26
N GLY E 43 24.15 -19.36 -7.94
CA GLY E 43 24.10 -18.04 -7.33
C GLY E 43 22.82 -17.28 -7.57
N GLN E 44 21.87 -17.82 -8.33
CA GLN E 44 20.82 -16.96 -8.80
C GLN E 44 19.57 -17.23 -7.97
N GLY E 45 18.52 -16.48 -8.23
CA GLY E 45 17.30 -16.67 -7.51
C GLY E 45 16.53 -17.84 -8.04
N LEU E 46 15.44 -18.13 -7.34
CA LEU E 46 14.57 -19.24 -7.70
C LEU E 46 13.74 -18.91 -8.92
N GLU E 47 13.49 -19.93 -9.76
CA GLU E 47 12.73 -19.76 -10.98
C GLU E 47 11.69 -20.88 -11.06
N TRP E 48 10.41 -20.51 -11.00
CA TRP E 48 9.34 -21.49 -11.11
C TRP E 48 9.30 -22.11 -12.50
N MET E 49 9.20 -23.45 -12.55
CA MET E 49 9.12 -24.16 -13.82
C MET E 49 7.71 -24.59 -14.17
N GLY E 50 6.97 -25.08 -13.19
CA GLY E 50 5.62 -25.50 -13.49
C GLY E 50 5.00 -26.27 -12.35
N ILE E 51 3.78 -26.76 -12.61
CA ILE E 51 2.96 -27.38 -11.58
C ILE E 51 2.13 -28.46 -12.26
N ILE E 52 1.82 -29.51 -11.50
CA ILE E 52 0.96 -30.59 -11.98
C ILE E 52 -0.10 -30.90 -10.94
N ASN E 53 -1.31 -31.22 -11.40
CA ASN E 53 -2.47 -31.38 -10.53
C ASN E 53 -2.49 -32.77 -9.90
N PRO E 54 -3.42 -33.01 -8.95
CA PRO E 54 -3.39 -34.30 -8.23
C PRO E 54 -3.51 -35.51 -9.13
N SER E 55 -4.34 -35.47 -10.17
CA SER E 55 -4.50 -36.64 -11.02
C SER E 55 -3.36 -36.84 -12.01
N GLY E 56 -2.55 -35.82 -12.26
CA GLY E 56 -1.59 -35.85 -13.32
C GLY E 56 -2.12 -35.45 -14.68
N GLY E 57 -3.43 -35.17 -14.79
CA GLY E 57 -4.03 -34.84 -16.07
C GLY E 57 -3.95 -33.39 -16.49
N SER E 58 -3.59 -32.47 -15.59
CA SER E 58 -3.47 -31.06 -15.95
C SER E 58 -2.16 -30.50 -15.44
N THR E 59 -1.51 -29.69 -16.28
CA THR E 59 -0.25 -29.06 -15.93
C THR E 59 -0.25 -27.59 -16.35
N SER E 60 0.70 -26.85 -15.79
CA SER E 60 0.93 -25.47 -16.23
C SER E 60 2.42 -25.22 -16.10
N TYR E 61 3.04 -24.74 -17.17
CA TYR E 61 4.48 -24.50 -17.20
C TYR E 61 4.74 -23.03 -17.47
N ALA E 62 5.82 -22.51 -16.87
CA ALA E 62 6.28 -21.18 -17.18
C ALA E 62 6.62 -21.06 -18.66
N GLN E 63 6.41 -19.87 -19.21
CA GLN E 63 6.56 -19.66 -20.64
C GLN E 63 7.94 -20.10 -21.14
N LYS E 64 8.95 -19.86 -20.33
CA LYS E 64 10.32 -20.17 -20.79
C LYS E 64 10.52 -21.68 -20.91
N PHE E 65 9.71 -22.48 -20.27
CA PHE E 65 9.90 -23.91 -20.36
C PHE E 65 8.86 -24.60 -21.22
N GLN E 66 7.93 -23.88 -21.81
CA GLN E 66 6.94 -24.56 -22.63
C GLN E 66 7.61 -25.18 -23.82
N GLY E 67 7.31 -26.44 -24.04
CA GLY E 67 7.86 -27.17 -25.13
C GLY E 67 9.04 -27.98 -24.73
N ARG E 68 9.58 -27.75 -23.54
CA ARG E 68 10.75 -28.45 -23.09
C ARG E 68 10.58 -29.26 -21.83
N VAL E 69 9.56 -28.99 -21.06
CA VAL E 69 9.36 -29.66 -19.79
C VAL E 69 8.09 -30.50 -19.86
N THR E 70 8.15 -31.69 -19.28
CA THR E 70 7.01 -32.59 -19.17
C THR E 70 6.95 -33.13 -17.76
N MET E 71 5.84 -32.89 -17.08
CA MET E 71 5.62 -33.44 -15.77
C MET E 71 4.62 -34.60 -15.82
N THR E 72 4.85 -35.61 -15.02
CA THR E 72 4.01 -36.77 -14.89
C THR E 72 3.84 -37.16 -13.42
N ARG E 73 2.71 -37.71 -13.01
CA ARG E 73 2.52 -38.20 -11.66
C ARG E 73 2.10 -39.67 -11.61
N ASP E 74 2.75 -40.44 -10.77
CA ASP E 74 2.37 -41.79 -10.39
C ASP E 74 1.57 -41.66 -9.11
N THR E 75 0.24 -41.63 -9.23
CA THR E 75 -0.58 -41.42 -8.05
C THR E 75 -0.46 -42.58 -7.07
N SER E 76 -0.12 -43.79 -7.56
CA SER E 76 -0.05 -44.95 -6.67
C SER E 76 1.16 -44.91 -5.75
N THR E 77 2.22 -44.20 -6.13
CA THR E 77 3.43 -44.13 -5.33
C THR E 77 3.72 -42.75 -4.80
N SER E 78 2.81 -41.80 -5.00
CA SER E 78 2.98 -40.42 -4.51
C SER E 78 4.26 -39.80 -5.05
N THR E 79 4.56 -40.09 -6.31
CA THR E 79 5.79 -39.64 -6.97
C THR E 79 5.45 -38.79 -8.18
N VAL E 80 6.17 -37.68 -8.33
CA VAL E 80 6.08 -36.84 -9.52
C VAL E 80 7.39 -36.91 -10.27
N TYR E 81 7.31 -36.81 -11.59
CA TYR E 81 8.47 -36.81 -12.47
C TYR E 81 8.51 -35.52 -13.27
N MET E 82 9.71 -34.99 -13.46
CA MET E 82 9.92 -33.83 -14.33
C MET E 82 11.00 -34.18 -15.34
N GLU E 83 10.69 -34.00 -16.61
CA GLU E 83 11.61 -34.23 -17.69
C GLU E 83 11.88 -32.95 -18.44
N LEU E 84 13.15 -32.60 -18.61
CA LEU E 84 13.57 -31.40 -19.33
C LEU E 84 14.40 -31.85 -20.52
N SER E 85 14.02 -31.43 -21.73
CA SER E 85 14.68 -31.91 -22.94
C SER E 85 15.54 -30.82 -23.57
N SER E 86 16.35 -31.23 -24.55
CA SER E 86 17.24 -30.34 -25.30
C SER E 86 18.08 -29.48 -24.36
N LEU E 87 18.78 -30.18 -23.47
CA LEU E 87 19.54 -29.51 -22.41
C LEU E 87 20.64 -28.63 -22.97
N ARG E 88 20.83 -27.48 -22.35
CA ARG E 88 21.94 -26.60 -22.66
C ARG E 88 22.69 -26.28 -21.37
N SER E 89 23.85 -25.64 -21.48
CA SER E 89 24.64 -25.32 -20.30
C SER E 89 23.86 -24.44 -19.32
N GLU E 90 23.09 -23.53 -19.85
CA GLU E 90 22.27 -22.67 -19.06
C GLU E 90 21.25 -23.43 -18.17
N ASP E 91 21.07 -24.74 -18.39
CA ASP E 91 20.17 -25.56 -17.61
C ASP E 91 20.85 -26.20 -16.40
N THR E 92 22.17 -26.03 -16.28
CA THR E 92 22.85 -26.46 -15.07
C THR E 92 22.28 -25.70 -13.88
N ALA E 93 21.78 -26.43 -12.88
CA ALA E 93 21.05 -25.82 -11.78
C ALA E 93 20.71 -26.89 -10.75
N VAL E 94 20.31 -26.45 -9.57
CA VAL E 94 19.64 -27.30 -8.59
C VAL E 94 18.15 -27.24 -8.85
N TYR E 95 17.53 -28.40 -9.02
CA TYR E 95 16.10 -28.50 -9.31
C TYR E 95 15.37 -28.94 -8.04
N TYR E 96 14.33 -28.21 -7.65
CA TYR E 96 13.59 -28.49 -6.43
C TYR E 96 12.16 -28.87 -6.77
N CYS E 97 11.63 -29.85 -6.05
CA CYS E 97 10.20 -30.11 -6.02
C CYS E 97 9.61 -29.41 -4.80
N ALA E 98 8.42 -28.82 -4.94
CA ALA E 98 7.81 -28.13 -3.82
C ALA E 98 6.30 -28.32 -3.84
N SER E 99 5.70 -28.20 -2.67
CA SER E 99 4.24 -28.34 -2.53
C SER E 99 3.80 -27.57 -1.28
N ARG E 100 2.51 -27.64 -0.98
CA ARG E 100 2.00 -26.86 0.14
C ARG E 100 0.96 -27.63 0.94
N SER E 101 0.60 -27.06 2.10
CA SER E 101 -0.26 -27.69 3.10
C SER E 101 -1.73 -27.42 2.82
N GLY E 102 -2.16 -27.78 1.61
CA GLY E 102 -3.56 -27.69 1.25
C GLY E 102 -3.74 -28.37 -0.08
N SER E 103 -5.00 -28.47 -0.50
CA SER E 103 -5.32 -29.21 -1.71
C SER E 103 -5.38 -28.33 -2.95
N GLY E 104 -5.39 -26.99 -2.80
CA GLY E 104 -5.47 -26.11 -3.95
C GLY E 104 -4.10 -25.70 -4.47
N TRP E 105 -4.12 -25.06 -5.64
CA TRP E 105 -2.88 -24.68 -6.30
C TRP E 105 -2.41 -23.28 -5.95
N PHE E 106 -3.20 -22.50 -5.21
CA PHE E 106 -2.81 -21.15 -4.86
C PHE E 106 -2.19 -21.10 -3.47
N GLY E 107 -1.04 -20.45 -3.36
CA GLY E 107 -0.45 -20.20 -2.06
C GLY E 107 1.06 -20.35 -2.07
N ALA E 108 1.69 -19.81 -1.03
CA ALA E 108 3.12 -19.99 -0.82
C ALA E 108 3.46 -21.47 -0.59
N LEU E 109 4.73 -21.82 -0.78
CA LEU E 109 5.16 -23.22 -0.81
C LEU E 109 5.84 -23.55 0.52
N ASP E 110 5.15 -24.30 1.38
CA ASP E 110 5.79 -24.62 2.65
C ASP E 110 6.49 -25.98 2.71
N TYR E 111 6.44 -26.80 1.65
CA TYR E 111 7.20 -28.05 1.60
C TYR E 111 8.15 -28.05 0.41
N TRP E 112 9.41 -28.44 0.65
CA TRP E 112 10.44 -28.44 -0.38
C TRP E 112 11.26 -29.71 -0.29
N GLY E 113 11.56 -30.30 -1.45
CA GLY E 113 12.52 -31.39 -1.50
C GLY E 113 13.92 -30.89 -1.26
N GLN E 114 14.85 -31.85 -1.20
CA GLN E 114 16.23 -31.50 -0.86
C GLN E 114 17.02 -30.95 -2.03
N GLY E 115 16.47 -30.96 -3.24
CA GLY E 115 17.16 -30.48 -4.41
C GLY E 115 17.86 -31.60 -5.16
N THR E 116 17.96 -31.44 -6.47
CA THR E 116 18.67 -32.36 -7.36
C THR E 116 19.58 -31.55 -8.27
N LEU E 117 20.90 -31.76 -8.15
CA LEU E 117 21.84 -31.08 -9.01
C LEU E 117 21.84 -31.73 -10.39
N VAL E 118 21.61 -30.93 -11.42
CA VAL E 118 21.71 -31.37 -12.81
C VAL E 118 22.82 -30.57 -13.49
N THR E 119 23.86 -31.28 -13.95
CA THR E 119 25.01 -30.67 -14.59
C THR E 119 24.97 -30.98 -16.08
N VAL E 120 25.02 -29.95 -16.91
CA VAL E 120 25.06 -30.13 -18.36
C VAL E 120 26.49 -29.86 -18.78
N SER E 121 27.17 -30.90 -19.23
CA SER E 121 28.51 -30.83 -19.78
C SER E 121 28.58 -30.08 -21.10
N GLY F 18 -4.14 26.45 -11.35
CA GLY F 18 -4.28 25.30 -12.23
C GLY F 18 -3.16 24.30 -12.09
N GLY F 19 -2.82 23.97 -10.85
CA GLY F 19 -1.77 23.02 -10.57
C GLY F 19 -2.33 21.63 -10.32
N SER F 20 -1.46 20.64 -10.43
CA SER F 20 -1.84 19.24 -10.24
C SER F 20 -1.92 18.98 -8.74
N GLU F 21 -3.07 18.69 -8.23
CA GLU F 21 -3.16 18.45 -6.81
C GLU F 21 -3.54 17.00 -6.58
N ILE F 22 -3.25 16.51 -5.41
CA ILE F 22 -3.73 15.16 -5.15
C ILE F 22 -5.24 15.19 -4.99
N VAL F 23 -5.94 14.33 -5.75
CA VAL F 23 -7.40 14.31 -5.80
C VAL F 23 -7.90 13.08 -5.06
N LEU F 24 -8.85 13.28 -4.14
CA LEU F 24 -9.47 12.19 -3.38
C LEU F 24 -10.90 12.00 -3.86
N THR F 25 -11.23 10.79 -4.30
CA THR F 25 -12.55 10.48 -4.84
C THR F 25 -13.25 9.51 -3.92
N GLN F 26 -14.34 9.97 -3.30
CA GLN F 26 -15.07 9.17 -2.33
C GLN F 26 -16.25 8.49 -3.01
N SER F 27 -16.50 7.24 -2.63
CA SER F 27 -17.58 6.40 -3.14
C SER F 27 -18.23 5.62 -2.02
N PRO F 28 -19.56 5.42 -2.07
CA PRO F 28 -20.44 6.04 -3.06
C PRO F 28 -20.75 7.48 -2.67
N GLY F 29 -21.48 8.20 -3.51
CA GLY F 29 -21.85 9.56 -3.14
C GLY F 29 -22.78 9.60 -1.94
N THR F 30 -23.72 8.65 -1.88
CA THR F 30 -24.68 8.56 -0.78
C THR F 30 -24.85 7.11 -0.37
N LEU F 31 -24.93 6.88 0.94
CA LEU F 31 -25.28 5.58 1.51
C LEU F 31 -26.58 5.73 2.28
N SER F 32 -27.52 4.81 2.06
CA SER F 32 -28.77 4.80 2.81
C SER F 32 -28.92 3.41 3.44
N LEU F 33 -28.72 3.33 4.75
CA LEU F 33 -28.65 2.07 5.48
C LEU F 33 -29.53 2.18 6.72
N SER F 34 -29.77 1.00 7.35
CA SER F 34 -30.59 0.93 8.55
C SER F 34 -29.71 0.85 9.80
N PRO F 35 -30.21 1.32 10.93
CA PRO F 35 -29.45 1.20 12.18
C PRO F 35 -29.02 -0.24 12.43
N GLY F 36 -27.79 -0.39 12.90
CA GLY F 36 -27.23 -1.68 13.21
C GLY F 36 -26.47 -2.33 12.07
N GLU F 37 -26.60 -1.80 10.87
CA GLU F 37 -25.87 -2.35 9.74
C GLU F 37 -24.46 -1.79 9.73
N ARG F 38 -23.60 -2.39 8.90
CA ARG F 38 -22.26 -1.89 8.71
C ARG F 38 -22.22 -0.91 7.54
N ALA F 39 -21.62 0.26 7.75
CA ALA F 39 -21.38 1.21 6.68
C ALA F 39 -19.92 1.16 6.27
N THR F 40 -19.67 1.01 4.96
CA THR F 40 -18.35 0.97 4.38
C THR F 40 -18.20 2.14 3.41
N LEU F 41 -17.28 3.06 3.73
CA LEU F 41 -17.04 4.24 2.91
C LEU F 41 -15.66 4.14 2.28
N SER F 42 -15.57 4.45 1.00
CA SER F 42 -14.30 4.27 0.26
C SER F 42 -13.74 5.60 -0.23
N CYS F 43 -12.42 5.64 -0.34
CA CYS F 43 -11.76 6.81 -0.90
C CYS F 43 -10.61 6.34 -1.81
N ARG F 44 -10.62 6.81 -3.04
CA ARG F 44 -9.52 6.55 -3.98
C ARG F 44 -8.69 7.83 -4.11
N ALA F 45 -7.40 7.67 -3.94
CA ALA F 45 -6.48 8.78 -4.17
C ALA F 45 -5.91 8.70 -5.58
N SER F 46 -5.69 9.87 -6.20
CA SER F 46 -5.18 9.91 -7.56
C SER F 46 -3.73 9.48 -7.67
N GLN F 47 -3.01 9.40 -6.56
CA GLN F 47 -1.66 8.85 -6.52
C GLN F 47 -1.49 8.19 -5.17
N SER F 48 -0.47 7.32 -5.07
CA SER F 48 -0.23 6.62 -3.83
C SER F 48 0.22 7.60 -2.76
N VAL F 49 -0.33 7.45 -1.57
CA VAL F 49 -0.03 8.32 -0.44
C VAL F 49 0.18 7.48 0.82
N SER F 50 1.20 7.85 1.60
CA SER F 50 1.49 7.17 2.85
C SER F 50 0.30 7.24 3.80
N SER F 51 0.06 6.13 4.50
CA SER F 51 -1.01 6.06 5.49
C SER F 51 -0.82 7.05 6.63
N SER F 52 0.39 7.56 6.86
CA SER F 52 0.63 8.55 7.88
C SER F 52 -0.14 9.84 7.63
N TYR F 53 -0.71 10.02 6.44
CA TYR F 53 -1.31 11.29 6.06
C TYR F 53 -2.82 11.26 5.92
N LEU F 54 -3.50 10.17 6.27
CA LEU F 54 -4.91 10.02 5.94
C LEU F 54 -5.79 10.27 7.15
N ALA F 55 -6.84 11.07 6.96
CA ALA F 55 -7.80 11.35 8.02
C ALA F 55 -9.23 11.20 7.51
N TRP F 56 -10.14 10.94 8.45
CA TRP F 56 -11.58 10.94 8.18
C TRP F 56 -12.28 11.85 9.17
N TYR F 57 -13.26 12.60 8.66
CA TYR F 57 -14.06 13.54 9.44
C TYR F 57 -15.55 13.25 9.27
N GLN F 58 -16.32 13.51 10.33
CA GLN F 58 -17.77 13.41 10.34
C GLN F 58 -18.35 14.81 10.47
N GLN F 59 -19.27 15.19 9.58
CA GLN F 59 -19.94 16.50 9.65
C GLN F 59 -21.45 16.28 9.73
N LYS F 60 -22.00 16.41 10.94
CA LYS F 60 -23.43 16.33 11.14
C LYS F 60 -24.10 17.62 10.66
N PRO F 61 -25.39 17.58 10.36
CA PRO F 61 -26.04 18.75 9.75
C PRO F 61 -25.92 19.98 10.62
N GLY F 62 -25.48 21.08 10.01
CA GLY F 62 -25.30 22.35 10.67
C GLY F 62 -24.09 22.46 11.57
N GLN F 63 -23.29 21.40 11.69
CA GLN F 63 -22.15 21.41 12.58
C GLN F 63 -20.86 21.50 11.77
N ALA F 64 -19.79 21.78 12.50
CA ALA F 64 -18.45 21.71 11.95
C ALA F 64 -18.02 20.25 11.80
N PRO F 65 -17.03 20.00 10.95
CA PRO F 65 -16.40 18.67 10.91
C PRO F 65 -15.87 18.27 12.28
N ARG F 66 -15.85 16.96 12.51
CA ARG F 66 -15.33 16.38 13.73
C ARG F 66 -14.32 15.28 13.29
N LEU F 67 -13.10 15.28 13.82
CA LEU F 67 -12.10 14.28 13.44
C LEU F 67 -12.45 12.92 14.02
N LEU F 68 -12.47 11.90 13.16
CA LEU F 68 -12.69 10.53 13.59
C LEU F 68 -11.42 9.70 13.62
N ILE F 69 -10.66 9.76 12.52
CA ILE F 69 -9.52 8.88 12.28
C ILE F 69 -8.37 9.73 11.76
N TYR F 70 -7.14 9.45 12.22
CA TYR F 70 -5.96 10.06 11.64
C TYR F 70 -4.89 8.98 11.46
N GLY F 71 -3.88 9.27 10.64
CA GLY F 71 -2.89 8.24 10.35
C GLY F 71 -3.49 6.99 9.74
N ALA F 72 -4.57 7.16 8.97
CA ALA F 72 -5.33 6.11 8.28
C ALA F 72 -6.16 5.22 9.21
N SER F 73 -5.62 4.91 10.40
CA SER F 73 -6.24 3.90 11.24
C SER F 73 -6.27 4.23 12.74
N SER F 74 -5.73 5.37 13.17
CA SER F 74 -5.77 5.74 14.58
C SER F 74 -7.05 6.52 14.87
N ARG F 75 -7.73 6.16 15.95
CA ARG F 75 -8.93 6.87 16.36
C ARG F 75 -8.58 8.09 17.19
N ALA F 76 -9.24 9.20 16.89
CA ALA F 76 -9.07 10.41 17.69
C ALA F 76 -9.63 10.18 19.10
N THR F 77 -9.19 11.03 20.04
CA THR F 77 -9.64 10.86 21.41
C THR F 77 -11.15 11.03 21.51
N GLY F 78 -11.77 10.16 22.31
CA GLY F 78 -13.20 10.19 22.47
C GLY F 78 -13.97 9.47 21.39
N ILE F 79 -13.34 9.01 20.34
CA ILE F 79 -14.08 8.34 19.27
C ILE F 79 -14.12 6.86 19.55
N PRO F 80 -15.31 6.28 19.55
CA PRO F 80 -15.47 4.86 19.87
C PRO F 80 -14.94 3.91 18.85
N ASP F 81 -14.69 2.67 19.25
CA ASP F 81 -14.15 1.70 18.33
C ASP F 81 -14.99 1.21 17.15
N ARG F 82 -16.27 1.53 17.15
CA ARG F 82 -17.11 1.21 16.04
C ARG F 82 -16.67 1.96 14.76
N PHE F 83 -15.90 3.04 14.90
CA PHE F 83 -15.33 3.72 13.75
C PHE F 83 -13.92 3.17 13.53
N SER F 84 -13.65 2.67 12.34
CA SER F 84 -12.31 2.14 12.05
C SER F 84 -11.87 2.55 10.65
N GLY F 85 -10.58 2.83 10.50
CA GLY F 85 -10.02 3.19 9.21
C GLY F 85 -9.00 2.17 8.77
N SER F 86 -8.94 1.95 7.46
CA SER F 86 -8.01 0.96 6.91
C SER F 86 -7.63 1.40 5.50
N GLY F 87 -6.72 0.67 4.90
CA GLY F 87 -6.30 1.00 3.55
C GLY F 87 -4.83 1.32 3.44
N SER F 88 -4.39 1.37 2.18
CA SER F 88 -3.02 1.74 1.86
C SER F 88 -2.95 2.18 0.39
N GLY F 89 -1.90 2.95 0.09
CA GLY F 89 -1.57 3.28 -1.28
C GLY F 89 -2.56 4.24 -1.90
N THR F 90 -3.42 3.75 -2.79
CA THR F 90 -4.41 4.60 -3.44
C THR F 90 -5.82 4.39 -2.92
N ASP F 91 -6.04 3.46 -1.99
CA ASP F 91 -7.41 3.09 -1.63
C ASP F 91 -7.54 2.94 -0.12
N PHE F 92 -8.49 3.69 0.46
CA PHE F 92 -8.68 3.78 1.91
C PHE F 92 -10.16 3.59 2.21
N THR F 93 -10.44 3.14 3.43
CA THR F 93 -11.82 2.91 3.85
C THR F 93 -12.05 3.37 5.28
N LEU F 94 -13.28 3.83 5.51
CA LEU F 94 -13.80 4.09 6.85
C LEU F 94 -14.95 3.14 7.05
N THR F 95 -14.94 2.39 8.15
CA THR F 95 -16.02 1.46 8.47
C THR F 95 -16.71 1.86 9.76
N ILE F 96 -18.04 1.90 9.75
CA ILE F 96 -18.84 2.05 10.95
C ILE F 96 -19.46 0.69 11.22
N SER F 97 -19.00 0.01 12.29
CA SER F 97 -19.32 -1.41 12.44
C SER F 97 -20.79 -1.63 12.74
N ARG F 98 -21.38 -0.78 13.59
CA ARG F 98 -22.81 -0.76 13.90
C ARG F 98 -23.27 0.67 13.66
N LEU F 99 -24.04 0.88 12.62
CA LEU F 99 -24.55 2.20 12.33
C LEU F 99 -25.60 2.61 13.35
N GLU F 100 -25.51 3.87 13.81
CA GLU F 100 -26.48 4.40 14.74
C GLU F 100 -27.24 5.57 14.11
N PRO F 101 -28.48 5.81 14.55
CA PRO F 101 -29.25 6.94 13.99
C PRO F 101 -28.52 8.27 14.06
N GLU F 102 -27.72 8.50 15.09
CA GLU F 102 -27.02 9.77 15.22
C GLU F 102 -25.85 9.89 14.24
N ASP F 103 -25.55 8.86 13.45
CA ASP F 103 -24.44 8.92 12.50
C ASP F 103 -24.80 9.59 11.18
N PHE F 104 -26.05 10.04 11.02
CA PHE F 104 -26.46 10.80 9.85
C PHE F 104 -25.57 12.03 9.68
N ALA F 105 -24.83 12.10 8.57
CA ALA F 105 -23.74 13.07 8.44
C ALA F 105 -23.12 12.88 7.06
N VAL F 106 -22.30 13.86 6.66
CA VAL F 106 -21.40 13.68 5.54
C VAL F 106 -20.03 13.37 6.11
N TYR F 107 -19.38 12.35 5.55
CA TYR F 107 -18.06 11.94 5.98
C TYR F 107 -17.04 12.32 4.92
N TYR F 108 -15.95 12.98 5.34
CA TYR F 108 -14.92 13.45 4.43
C TYR F 108 -13.59 12.77 4.71
N CYS F 109 -12.88 12.45 3.65
CA CYS F 109 -11.55 11.93 3.74
C CYS F 109 -10.59 13.09 3.43
N GLN F 110 -9.43 13.09 4.06
CA GLN F 110 -8.42 14.13 3.89
C GLN F 110 -7.07 13.45 3.80
N GLN F 111 -6.18 13.98 2.96
CA GLN F 111 -4.76 13.69 3.13
C GLN F 111 -4.07 14.98 3.52
N TYR F 112 -3.22 14.91 4.54
CA TYR F 112 -2.55 16.11 5.06
C TYR F 112 -1.04 16.01 4.88
N GLY F 113 -0.62 15.41 3.78
CA GLY F 113 0.81 15.22 3.51
C GLY F 113 1.41 16.19 2.52
N SER F 114 0.61 16.91 1.74
CA SER F 114 1.13 17.74 0.65
C SER F 114 1.31 19.19 1.05
N SER F 115 0.75 19.58 2.17
CA SER F 115 0.80 20.93 2.71
C SER F 115 0.24 20.80 4.13
N PRO F 116 0.27 21.85 4.95
CA PRO F 116 -0.27 21.67 6.30
C PRO F 116 -1.74 21.28 6.29
N GLY F 117 -2.51 21.75 5.32
CA GLY F 117 -3.92 21.42 5.24
C GLY F 117 -4.28 20.33 4.25
N GLY F 118 -3.41 20.09 3.26
CA GLY F 118 -3.66 19.03 2.29
C GLY F 118 -4.91 19.23 1.44
N THR F 119 -5.56 18.11 1.12
CA THR F 119 -6.75 18.13 0.28
C THR F 119 -7.78 17.16 0.84
N PHE F 120 -9.04 17.41 0.46
CA PHE F 120 -10.19 16.66 0.94
C PHE F 120 -10.98 16.04 -0.21
N GLY F 121 -11.60 14.91 0.06
CA GLY F 121 -12.60 14.39 -0.85
C GLY F 121 -13.88 15.21 -0.84
N GLN F 122 -14.80 14.81 -1.69
CA GLN F 122 -16.07 15.48 -1.83
C GLN F 122 -17.13 15.00 -0.90
N GLY F 123 -16.87 13.92 -0.21
CA GLY F 123 -17.73 13.47 0.85
C GLY F 123 -18.65 12.33 0.44
N THR F 124 -19.02 11.51 1.42
CA THR F 124 -20.09 10.53 1.28
C THR F 124 -21.17 10.89 2.29
N LYS F 125 -22.40 11.09 1.80
CA LYS F 125 -23.53 11.35 2.68
C LYS F 125 -24.08 10.02 3.18
N VAL F 126 -24.14 9.86 4.50
CA VAL F 126 -24.71 8.66 5.10
C VAL F 126 -26.10 9.00 5.63
N GLU F 127 -27.10 8.30 5.11
CA GLU F 127 -28.49 8.49 5.52
C GLU F 127 -28.93 7.26 6.30
N ILE F 128 -29.76 7.46 7.32
CA ILE F 128 -30.19 6.39 8.20
C ILE F 128 -31.66 6.16 7.92
N LYS F 129 -32.05 4.93 7.58
CA LYS F 129 -33.44 4.69 7.25
C LYS F 129 -34.33 4.72 8.50
N ARG F 130 -35.61 5.03 8.27
CA ARG F 130 -36.67 4.97 9.27
C ARG F 130 -36.33 5.79 10.52
#